data_4C93
#
_entry.id   4C93
#
_cell.length_a   88.977
_cell.length_b   99.998
_cell.length_c   219.546
_cell.angle_alpha   90.00
_cell.angle_beta   90.00
_cell.angle_gamma   90.00
#
_symmetry.space_group_name_H-M   'P 2 21 21'
#
loop_
_entity.id
_entity.type
_entity.pdbx_description
1 polymer 'DNA POLYMERASE ALPHA-BINDING PROTEIN'
2 polymer 'DNA POLYMERASE ALPHA CATALYTIC SUBUNIT A'
3 water water
#
loop_
_entity_poly.entity_id
_entity_poly.type
_entity_poly.pdbx_seq_one_letter_code
_entity_poly.pdbx_strand_id
1 'polypeptide(L)'
;MGSSHHHHHHSQDPENLYFQGTGKFRYMPFSPAGTPFGFTDRRYLTMNEVGYVSTVKNSEQYSITVSFFDVGRFREYHFE
DLFGYDLCFLNEKGTLFGQSKTGQIQYRPHDSIHSNWTKIIPLQAGERITSVAATPVRVIVGTSLGYFRSFNQFGVPFAV
EKTSPIVALTAQNYRVFSVHYSQFHGLSYSLSELGTSSKRYYKRECPLPMSLPNINSDMKKDANLDYYNFNPMGIKSLFF
SSYGDPCIFGSDNTLLLLSKWRSPEESKWLPILDSNMEIWKMSGGKETTDIHVWPLALAYDTLNCILVKGKHIWPEFPLP
LPSEMEIRMPVFVKSKLLEENKAILNKKNEIGADTEAEEGEEDKEIQIPVSMAAEEEYLRSKVLSELLTDTLENDGEMYG
NENEVLAALNGAYDKALLRLFASACSDQNVEKALSLAHELKQDRALTAAVKISERAELPSLVKKINNIREARYEQQLK
;
A,B,C
2 'polypeptide(L)' IDNFDDILGEFES D,E
#
# COMPACT_ATOMS: atom_id res chain seq x y z
N PHE A 25 19.06 -5.63 -3.76
CA PHE A 25 18.62 -6.09 -2.45
C PHE A 25 18.24 -7.56 -2.50
N ARG A 26 18.64 -8.32 -1.49
CA ARG A 26 18.41 -9.77 -1.46
C ARG A 26 17.18 -10.16 -0.65
N TYR A 27 16.20 -10.74 -1.35
CA TYR A 27 14.99 -11.24 -0.72
C TYR A 27 15.24 -12.57 -0.02
N MET A 28 14.94 -12.64 1.27
CA MET A 28 15.14 -13.86 2.03
C MET A 28 13.82 -14.60 2.23
N PRO A 29 13.87 -15.94 2.22
CA PRO A 29 12.68 -16.77 2.42
C PRO A 29 12.04 -16.55 3.78
N PHE A 30 10.79 -16.11 3.80
CA PHE A 30 10.11 -15.77 5.04
C PHE A 30 9.12 -16.84 5.47
N SER A 31 9.07 -17.06 6.77
CA SER A 31 8.03 -17.88 7.37
C SER A 31 7.73 -17.32 8.75
N PRO A 32 6.46 -17.36 9.16
CA PRO A 32 6.05 -16.81 10.46
C PRO A 32 6.81 -17.43 11.62
N ALA A 33 7.50 -16.61 12.39
CA ALA A 33 8.21 -17.01 13.61
C ALA A 33 9.32 -18.03 13.35
N GLY A 34 9.81 -18.10 12.11
CA GLY A 34 10.94 -18.93 11.78
C GLY A 34 12.24 -18.43 12.41
N THR A 35 13.17 -19.35 12.68
CA THR A 35 14.46 -18.99 13.28
C THR A 35 15.60 -19.40 12.36
N PRO A 36 16.77 -18.75 12.53
CA PRO A 36 17.95 -19.13 11.73
C PRO A 36 18.72 -20.28 12.38
N PHE A 37 19.60 -20.93 11.60
CA PHE A 37 20.45 -22.00 12.12
C PHE A 37 21.42 -21.52 13.19
N GLY A 38 22.01 -20.35 12.98
CA GLY A 38 23.06 -19.86 13.86
C GLY A 38 24.25 -20.79 13.78
N PHE A 39 24.77 -21.22 14.93
CA PHE A 39 25.90 -22.14 14.95
C PHE A 39 25.46 -23.59 15.08
N THR A 40 24.18 -23.86 14.84
CA THR A 40 23.69 -25.22 14.96
C THR A 40 23.23 -25.79 13.62
N ASP A 41 22.79 -27.03 13.64
CA ASP A 41 22.35 -27.72 12.44
C ASP A 41 20.83 -27.84 12.43
N ARG A 42 20.18 -27.12 13.33
CA ARG A 42 18.73 -27.14 13.39
C ARG A 42 18.15 -25.76 13.62
N ARG A 43 16.90 -25.60 13.20
CA ARG A 43 16.18 -24.35 13.36
C ARG A 43 14.69 -24.60 13.25
N TYR A 44 13.89 -23.60 13.60
CA TYR A 44 12.45 -23.71 13.40
C TYR A 44 12.07 -23.09 12.07
N LEU A 45 11.34 -23.85 11.26
CA LEU A 45 10.87 -23.34 9.97
C LEU A 45 9.76 -22.34 10.18
N THR A 46 8.76 -22.71 10.96
CA THR A 46 7.64 -21.83 11.27
C THR A 46 7.03 -22.21 12.61
N MET A 47 6.10 -21.38 13.09
CA MET A 47 5.64 -21.50 14.47
C MET A 47 4.42 -20.62 14.73
N ASN A 48 3.35 -21.21 15.28
CA ASN A 48 2.18 -20.43 15.67
C ASN A 48 1.40 -21.11 16.81
N GLU A 49 0.11 -20.82 16.90
CA GLU A 49 -0.72 -21.35 17.98
C GLU A 49 -1.01 -22.85 17.81
N VAL A 50 -0.92 -23.33 16.58
CA VAL A 50 -1.18 -24.74 16.30
C VAL A 50 -0.03 -25.62 16.76
N GLY A 51 1.20 -25.17 16.51
CA GLY A 51 2.38 -25.93 16.87
C GLY A 51 3.64 -25.34 16.28
N TYR A 52 4.67 -26.18 16.15
CA TYR A 52 5.95 -25.74 15.62
C TYR A 52 6.55 -26.76 14.69
N VAL A 53 7.30 -26.28 13.69
CA VAL A 53 7.95 -27.13 12.71
C VAL A 53 9.44 -26.86 12.68
N SER A 54 10.23 -27.92 12.88
CA SER A 54 11.69 -27.78 12.92
C SER A 54 12.35 -28.60 11.83
N THR A 55 13.55 -28.20 11.44
CA THR A 55 14.34 -28.96 10.47
C THR A 55 15.76 -29.16 11.00
N VAL A 56 16.29 -30.37 10.81
CA VAL A 56 17.64 -30.69 11.26
C VAL A 56 18.51 -31.14 10.09
N LYS A 57 19.73 -30.60 10.01
CA LYS A 57 20.66 -31.01 8.96
C LYS A 57 21.10 -32.46 9.15
N ASN A 58 20.72 -33.30 8.19
CA ASN A 58 21.03 -34.72 8.25
C ASN A 58 22.02 -35.10 7.15
N SER A 59 23.29 -34.80 7.40
CA SER A 59 24.36 -34.96 6.41
C SER A 59 24.05 -34.16 5.16
N GLU A 60 23.57 -34.82 4.12
CA GLU A 60 23.28 -34.16 2.85
C GLU A 60 21.79 -33.86 2.69
N GLN A 61 20.98 -34.33 3.63
CA GLN A 61 19.54 -34.07 3.60
C GLN A 61 19.06 -33.42 4.89
N TYR A 62 17.75 -33.40 5.08
CA TYR A 62 17.16 -32.78 6.26
C TYR A 62 16.11 -33.65 6.93
N SER A 63 15.96 -33.48 8.24
CA SER A 63 14.93 -34.18 9.00
C SER A 63 13.92 -33.18 9.56
N ILE A 64 12.71 -33.18 9.00
CA ILE A 64 11.68 -32.24 9.39
C ILE A 64 10.73 -32.84 10.43
N THR A 65 10.47 -32.11 11.50
CA THR A 65 9.53 -32.53 12.53
C THR A 65 8.37 -31.56 12.67
N VAL A 66 7.15 -32.09 12.66
CA VAL A 66 5.95 -31.28 12.86
C VAL A 66 5.31 -31.59 14.20
N SER A 67 5.32 -30.61 15.12
CA SER A 67 4.80 -30.82 16.45
C SER A 67 3.54 -29.98 16.71
N PHE A 68 2.77 -30.37 17.72
CA PHE A 68 1.52 -29.69 18.03
C PHE A 68 1.44 -29.37 19.52
N PHE A 69 0.73 -28.29 19.86
CA PHE A 69 0.57 -27.88 21.25
C PHE A 69 -0.60 -28.61 21.89
N ASP A 70 -1.59 -28.95 21.07
CA ASP A 70 -2.70 -29.77 21.51
C ASP A 70 -2.42 -31.22 21.14
N VAL A 71 -1.71 -31.92 22.02
CA VAL A 71 -1.27 -33.29 21.75
C VAL A 71 -2.45 -34.24 21.53
N GLY A 72 -3.60 -33.90 22.09
CA GLY A 72 -4.81 -34.68 21.90
C GLY A 72 -5.32 -34.73 20.46
N ARG A 73 -5.36 -33.57 19.82
CA ARG A 73 -5.91 -33.48 18.46
C ARG A 73 -5.04 -34.17 17.42
N PHE A 74 -3.79 -33.73 17.29
CA PHE A 74 -2.92 -34.22 16.24
C PHE A 74 -1.72 -34.96 16.80
N ARG A 75 -1.12 -35.82 15.99
CA ARG A 75 0.01 -36.61 16.42
C ARG A 75 1.29 -36.10 15.78
N GLU A 76 2.25 -35.75 16.62
CA GLU A 76 3.57 -35.32 16.18
C GLU A 76 4.19 -36.35 15.23
N TYR A 77 4.74 -35.87 14.12
CA TYR A 77 5.41 -36.75 13.16
C TYR A 77 6.67 -36.13 12.58
N HIS A 78 7.42 -36.93 11.83
CA HIS A 78 8.62 -36.46 11.18
C HIS A 78 8.81 -37.15 9.84
N PHE A 79 9.65 -36.57 8.98
CA PHE A 79 9.93 -37.17 7.68
C PHE A 79 11.23 -36.63 7.12
N GLU A 80 11.76 -37.29 6.10
CA GLU A 80 13.06 -36.92 5.56
C GLU A 80 12.91 -35.96 4.39
N ASP A 81 13.58 -34.81 4.49
CA ASP A 81 13.48 -33.77 3.49
C ASP A 81 14.63 -33.87 2.50
N LEU A 82 14.32 -34.36 1.31
CA LEU A 82 15.31 -34.55 0.26
C LEU A 82 15.45 -33.33 -0.63
N PHE A 83 14.78 -32.24 -0.27
CA PHE A 83 14.75 -31.06 -1.12
C PHE A 83 15.35 -29.83 -0.44
N GLY A 84 15.30 -29.80 0.87
CA GLY A 84 15.83 -28.68 1.63
C GLY A 84 14.83 -27.55 1.76
N TYR A 85 13.62 -27.88 2.22
CA TYR A 85 12.56 -26.90 2.43
C TYR A 85 13.00 -25.81 3.40
N ASP A 86 12.88 -24.55 2.97
CA ASP A 86 13.26 -23.42 3.81
C ASP A 86 12.07 -22.49 4.03
N LEU A 87 10.93 -22.86 3.47
CA LEU A 87 9.70 -22.13 3.63
C LEU A 87 8.65 -23.04 4.25
N CYS A 88 7.87 -22.53 5.18
CA CYS A 88 6.82 -23.33 5.79
C CYS A 88 5.65 -22.47 6.28
N PHE A 89 4.47 -23.09 6.34
CA PHE A 89 3.31 -22.46 6.94
C PHE A 89 2.42 -23.54 7.56
N LEU A 90 2.02 -23.33 8.81
CA LEU A 90 1.25 -24.32 9.53
C LEU A 90 -0.16 -23.83 9.86
N ASN A 91 -1.16 -24.63 9.50
CA ASN A 91 -2.52 -24.35 9.92
C ASN A 91 -3.13 -25.58 10.61
N GLU A 92 -4.42 -25.52 10.92
CA GLU A 92 -5.07 -26.56 11.70
C GLU A 92 -5.41 -27.81 10.91
N LYS A 93 -5.28 -27.77 9.59
CA LYS A 93 -5.64 -28.91 8.76
C LYS A 93 -4.45 -29.49 8.02
N GLY A 94 -3.38 -28.72 7.89
CA GLY A 94 -2.22 -29.18 7.16
C GLY A 94 -0.99 -28.32 7.35
N THR A 95 0.10 -28.72 6.70
CA THR A 95 1.35 -27.98 6.73
C THR A 95 1.82 -27.77 5.30
N LEU A 96 2.25 -26.55 4.99
CA LEU A 96 2.76 -26.25 3.65
C LEU A 96 4.27 -26.07 3.69
N PHE A 97 4.96 -26.71 2.77
CA PHE A 97 6.42 -26.62 2.69
C PHE A 97 6.85 -26.05 1.36
N GLY A 98 7.91 -25.25 1.36
CA GLY A 98 8.41 -24.62 0.15
C GLY A 98 9.92 -24.58 0.06
N GLN A 99 10.43 -24.60 -1.17
CA GLN A 99 11.86 -24.49 -1.42
C GLN A 99 12.10 -23.26 -2.30
N SER A 100 12.81 -22.28 -1.76
CA SER A 100 12.90 -20.94 -2.37
C SER A 100 13.59 -20.94 -3.73
N LYS A 101 14.54 -21.84 -3.93
CA LYS A 101 15.38 -21.80 -5.11
C LYS A 101 14.85 -22.67 -6.25
N THR A 102 14.37 -23.87 -5.93
CA THR A 102 13.91 -24.78 -6.97
C THR A 102 12.43 -24.57 -7.27
N GLY A 103 11.71 -24.01 -6.31
CA GLY A 103 10.30 -23.70 -6.50
C GLY A 103 9.40 -24.88 -6.21
N GLN A 104 9.92 -25.88 -5.51
CA GLN A 104 9.11 -27.04 -5.17
C GLN A 104 8.34 -26.83 -3.88
N ILE A 105 7.03 -27.06 -3.91
CA ILE A 105 6.21 -26.97 -2.72
C ILE A 105 5.51 -28.30 -2.42
N GLN A 106 5.17 -28.51 -1.15
CA GLN A 106 4.43 -29.71 -0.75
C GLN A 106 3.43 -29.38 0.35
N TYR A 107 2.22 -29.90 0.19
CA TYR A 107 1.20 -29.75 1.21
C TYR A 107 0.91 -31.09 1.88
N ARG A 108 1.00 -31.13 3.20
CA ARG A 108 0.76 -32.36 3.96
C ARG A 108 -0.35 -32.17 4.97
N PRO A 109 -1.56 -32.67 4.64
CA PRO A 109 -2.67 -32.68 5.58
C PRO A 109 -2.31 -33.42 6.87
N HIS A 110 -2.81 -32.93 8.01
CA HIS A 110 -2.50 -33.54 9.30
C HIS A 110 -3.07 -34.96 9.39
N ASP A 111 -4.27 -35.16 8.85
CA ASP A 111 -4.87 -36.49 8.86
C ASP A 111 -4.34 -37.33 7.70
N SER A 112 -4.32 -38.64 7.87
CA SER A 112 -3.79 -39.52 6.82
C SER A 112 -4.86 -39.78 5.77
N ILE A 113 -6.08 -39.40 6.12
CA ILE A 113 -7.25 -39.55 5.25
C ILE A 113 -7.03 -38.83 3.91
N HIS A 114 -6.51 -37.60 3.99
CA HIS A 114 -6.27 -36.80 2.80
C HIS A 114 -4.84 -37.03 2.33
N SER A 115 -4.63 -36.97 1.01
CA SER A 115 -3.31 -37.25 0.47
C SER A 115 -2.42 -36.02 0.44
N ASN A 116 -1.11 -36.25 0.54
CA ASN A 116 -0.13 -35.20 0.28
C ASN A 116 -0.11 -34.89 -1.21
N TRP A 117 0.29 -33.67 -1.56
CA TRP A 117 0.55 -33.38 -2.96
C TRP A 117 1.76 -32.46 -3.11
N THR A 118 2.42 -32.59 -4.25
CA THR A 118 3.63 -31.84 -4.53
C THR A 118 3.48 -31.08 -5.84
N LYS A 119 4.14 -29.93 -5.93
CA LYS A 119 4.11 -29.12 -7.13
C LYS A 119 5.45 -28.41 -7.31
N ILE A 120 5.76 -28.04 -8.53
CA ILE A 120 6.94 -27.20 -8.76
C ILE A 120 6.51 -25.88 -9.38
N ILE A 121 6.78 -24.80 -8.64
CA ILE A 121 6.50 -23.45 -9.12
C ILE A 121 7.55 -23.00 -10.11
N PRO A 122 7.11 -22.56 -11.31
CA PRO A 122 8.02 -22.02 -12.32
C PRO A 122 8.74 -20.79 -11.80
N LEU A 123 10.05 -20.70 -12.03
CA LEU A 123 10.83 -19.56 -11.55
C LEU A 123 11.77 -19.05 -12.64
N GLN A 124 11.66 -17.77 -12.94
CA GLN A 124 12.57 -17.12 -13.88
C GLN A 124 13.95 -16.98 -13.27
N ALA A 125 14.89 -16.44 -14.05
CA ALA A 125 16.26 -16.26 -13.58
C ALA A 125 16.32 -15.27 -12.42
N GLY A 126 16.84 -15.74 -11.28
CA GLY A 126 16.98 -14.89 -10.11
C GLY A 126 15.73 -14.82 -9.26
N GLU A 127 14.64 -15.38 -9.75
CA GLU A 127 13.38 -15.38 -9.02
C GLU A 127 13.35 -16.43 -7.93
N ARG A 128 13.03 -16.00 -6.71
CA ARG A 128 12.92 -16.90 -5.56
C ARG A 128 11.50 -16.87 -5.01
N ILE A 129 11.06 -17.98 -4.42
CA ILE A 129 9.86 -17.95 -3.62
C ILE A 129 10.23 -17.30 -2.30
N THR A 130 9.46 -16.29 -1.89
CA THR A 130 9.81 -15.52 -0.71
C THR A 130 8.93 -15.85 0.49
N SER A 131 7.76 -16.39 0.23
CA SER A 131 6.80 -16.67 1.29
C SER A 131 5.68 -17.58 0.79
N VAL A 132 5.25 -18.51 1.64
CA VAL A 132 4.09 -19.35 1.34
C VAL A 132 3.09 -19.28 2.49
N ALA A 133 1.83 -19.58 2.18
CA ALA A 133 0.78 -19.62 3.19
C ALA A 133 -0.32 -20.57 2.74
N ALA A 134 -1.05 -21.10 3.71
CA ALA A 134 -2.13 -22.03 3.42
C ALA A 134 -3.25 -21.94 4.44
N THR A 135 -4.48 -22.07 3.96
CA THR A 135 -5.65 -22.23 4.81
C THR A 135 -6.26 -23.59 4.51
N PRO A 136 -7.31 -23.99 5.24
CA PRO A 136 -8.00 -25.22 4.83
C PRO A 136 -8.52 -25.22 3.39
N VAL A 137 -8.68 -24.05 2.78
CA VAL A 137 -9.26 -23.97 1.44
C VAL A 137 -8.37 -23.30 0.40
N ARG A 138 -7.23 -22.76 0.82
CA ARG A 138 -6.35 -22.04 -0.10
C ARG A 138 -4.86 -22.27 0.15
N VAL A 139 -4.09 -22.34 -0.93
CA VAL A 139 -2.64 -22.39 -0.86
C VAL A 139 -2.04 -21.23 -1.64
N ILE A 140 -1.17 -20.46 -1.00
CA ILE A 140 -0.63 -19.24 -1.59
C ILE A 140 0.89 -19.27 -1.68
N VAL A 141 1.43 -18.81 -2.81
CA VAL A 141 2.86 -18.71 -3.01
C VAL A 141 3.25 -17.34 -3.57
N GLY A 142 4.21 -16.69 -2.91
CA GLY A 142 4.68 -15.38 -3.36
C GLY A 142 6.15 -15.38 -3.74
N THR A 143 6.49 -14.63 -4.79
CA THR A 143 7.87 -14.60 -5.28
C THR A 143 8.51 -13.21 -5.24
N SER A 144 9.81 -13.16 -5.50
CA SER A 144 10.58 -11.92 -5.45
C SER A 144 10.32 -11.04 -6.67
N LEU A 145 9.78 -11.63 -7.73
CA LEU A 145 9.40 -10.88 -8.93
C LEU A 145 7.94 -10.41 -8.83
N GLY A 146 7.28 -10.76 -7.74
CA GLY A 146 5.93 -10.32 -7.51
C GLY A 146 4.87 -11.25 -8.07
N TYR A 147 5.27 -12.48 -8.36
CA TYR A 147 4.29 -13.46 -8.82
C TYR A 147 3.49 -13.99 -7.63
N PHE A 148 2.17 -13.94 -7.77
CA PHE A 148 1.24 -14.33 -6.72
C PHE A 148 0.44 -15.52 -7.24
N ARG A 149 0.76 -16.71 -6.74
CA ARG A 149 0.13 -17.93 -7.24
C ARG A 149 -0.76 -18.57 -6.18
N SER A 150 -2.00 -18.85 -6.54
CA SER A 150 -2.95 -19.41 -5.59
C SER A 150 -3.52 -20.75 -6.08
N PHE A 151 -3.85 -21.61 -5.12
CA PHE A 151 -4.38 -22.93 -5.41
C PHE A 151 -5.45 -23.26 -4.38
N ASN A 152 -6.20 -24.33 -4.60
CA ASN A 152 -7.05 -24.84 -3.54
C ASN A 152 -6.26 -25.84 -2.72
N GLN A 153 -6.89 -26.46 -1.71
CA GLN A 153 -6.17 -27.34 -0.80
C GLN A 153 -5.64 -28.60 -1.50
N PHE A 154 -6.07 -28.83 -2.73
CA PHE A 154 -5.69 -30.05 -3.46
C PHE A 154 -4.64 -29.78 -4.54
N GLY A 155 -4.28 -28.51 -4.70
CA GLY A 155 -3.24 -28.13 -5.65
C GLY A 155 -3.76 -27.70 -7.01
N VAL A 156 -5.07 -27.51 -7.11
CA VAL A 156 -5.66 -27.00 -8.33
C VAL A 156 -5.48 -25.49 -8.42
N PRO A 157 -4.74 -25.02 -9.44
CA PRO A 157 -4.44 -23.58 -9.55
C PRO A 157 -5.68 -22.76 -9.90
N PHE A 158 -5.79 -21.57 -9.32
CA PHE A 158 -6.90 -20.68 -9.65
C PHE A 158 -6.52 -19.55 -10.60
N ALA A 159 -5.45 -18.82 -10.27
CA ALA A 159 -4.94 -17.79 -11.16
C ALA A 159 -3.56 -17.31 -10.74
N VAL A 160 -2.74 -16.98 -11.74
CA VAL A 160 -1.43 -16.39 -11.48
C VAL A 160 -1.56 -14.86 -11.60
N GLU A 161 -1.13 -14.14 -10.58
CA GLU A 161 -1.20 -12.69 -10.60
C GLU A 161 0.19 -12.05 -10.49
N LYS A 162 0.33 -10.86 -11.09
CA LYS A 162 1.58 -10.11 -10.99
C LYS A 162 1.36 -8.88 -10.11
N THR A 163 2.13 -8.80 -9.03
CA THR A 163 2.05 -7.66 -8.13
C THR A 163 3.45 -7.13 -7.85
N SER A 164 3.57 -6.23 -6.89
CA SER A 164 4.88 -5.80 -6.40
C SER A 164 5.56 -7.00 -5.74
N PRO A 165 6.91 -6.99 -5.71
CA PRO A 165 7.66 -8.05 -5.04
C PRO A 165 7.12 -8.36 -3.64
N ILE A 166 6.85 -9.64 -3.39
CA ILE A 166 6.27 -10.08 -2.13
C ILE A 166 7.36 -10.49 -1.15
N VAL A 167 7.25 -10.05 0.10
CA VAL A 167 8.26 -10.43 1.09
C VAL A 167 7.67 -11.33 2.19
N ALA A 168 6.37 -11.25 2.41
CA ALA A 168 5.73 -12.03 3.47
C ALA A 168 4.25 -12.24 3.21
N LEU A 169 3.75 -13.42 3.56
CA LEU A 169 2.35 -13.77 3.34
C LEU A 169 1.75 -14.42 4.58
N THR A 170 0.47 -14.15 4.81
CA THR A 170 -0.32 -14.94 5.74
C THR A 170 -1.74 -15.02 5.22
N ALA A 171 -2.52 -15.95 5.75
CA ALA A 171 -3.86 -16.16 5.25
C ALA A 171 -4.77 -16.74 6.31
N GLN A 172 -6.07 -16.59 6.11
CA GLN A 172 -7.08 -17.12 7.02
C GLN A 172 -8.36 -17.33 6.24
N ASN A 173 -8.82 -18.58 6.18
CA ASN A 173 -9.97 -18.95 5.35
C ASN A 173 -9.77 -18.53 3.89
N TYR A 174 -10.45 -17.48 3.45
CA TYR A 174 -10.33 -17.04 2.05
C TYR A 174 -9.59 -15.72 1.92
N ARG A 175 -9.08 -15.20 3.03
CA ARG A 175 -8.48 -13.87 3.03
C ARG A 175 -6.97 -13.92 3.13
N VAL A 176 -6.31 -13.02 2.42
CA VAL A 176 -4.86 -12.99 2.36
C VAL A 176 -4.29 -11.63 2.76
N PHE A 177 -3.29 -11.65 3.62
CA PHE A 177 -2.57 -10.44 4.01
C PHE A 177 -1.14 -10.55 3.48
N SER A 178 -0.78 -9.67 2.55
CA SER A 178 0.51 -9.75 1.89
C SER A 178 1.34 -8.50 2.11
N VAL A 179 2.64 -8.68 2.33
CA VAL A 179 3.55 -7.56 2.51
C VAL A 179 4.47 -7.45 1.30
N HIS A 180 4.58 -6.25 0.75
CA HIS A 180 5.38 -6.02 -0.45
C HIS A 180 6.51 -5.04 -0.18
N TYR A 181 7.52 -5.07 -1.04
CA TYR A 181 8.66 -4.17 -0.91
C TYR A 181 9.16 -3.72 -2.28
N SER A 182 9.42 -2.42 -2.39
CA SER A 182 10.02 -1.85 -3.59
C SER A 182 11.26 -1.04 -3.22
N GLN A 183 11.89 -0.42 -4.21
CA GLN A 183 12.94 0.55 -3.94
C GLN A 183 12.34 1.95 -3.82
N PHE A 184 11.05 2.06 -4.10
CA PHE A 184 10.37 3.36 -4.15
C PHE A 184 9.59 3.67 -2.89
N HIS A 185 8.68 2.77 -2.52
CA HIS A 185 7.79 3.00 -1.39
C HIS A 185 8.38 2.50 -0.07
N GLY A 186 9.21 1.47 -0.14
CA GLY A 186 9.62 0.78 1.06
C GLY A 186 8.66 -0.37 1.25
N LEU A 187 8.17 -0.54 2.47
CA LEU A 187 7.20 -1.59 2.76
C LEU A 187 5.76 -1.12 2.54
N SER A 188 4.98 -1.95 1.87
CA SER A 188 3.55 -1.73 1.71
C SER A 188 2.82 -3.05 1.98
N TYR A 189 1.50 -3.00 2.04
CA TYR A 189 0.72 -4.22 2.23
C TYR A 189 -0.55 -4.25 1.39
N SER A 190 -1.01 -5.46 1.09
CA SER A 190 -2.31 -5.63 0.45
C SER A 190 -3.17 -6.59 1.27
N LEU A 191 -4.47 -6.36 1.22
CA LEU A 191 -5.43 -7.19 1.92
C LEU A 191 -6.52 -7.61 0.95
N SER A 192 -6.68 -8.92 0.75
CA SER A 192 -7.59 -9.39 -0.28
C SER A 192 -8.40 -10.60 0.16
N GLU A 193 -9.44 -10.89 -0.60
CA GLU A 193 -10.24 -12.09 -0.38
C GLU A 193 -10.26 -12.94 -1.65
N LEU A 194 -9.95 -14.22 -1.50
CA LEU A 194 -9.98 -15.13 -2.64
C LEU A 194 -11.30 -15.87 -2.67
N GLY A 195 -12.33 -15.21 -3.18
CA GLY A 195 -13.65 -15.80 -3.23
C GLY A 195 -13.77 -16.93 -4.23
N THR A 196 -14.98 -17.46 -4.36
CA THR A 196 -15.25 -18.53 -5.31
C THR A 196 -15.02 -18.05 -6.74
N SER A 197 -15.28 -16.75 -6.98
CA SER A 197 -15.29 -16.23 -8.33
C SER A 197 -14.04 -15.45 -8.71
N SER A 198 -13.70 -14.42 -7.93
CA SER A 198 -12.58 -13.56 -8.28
C SER A 198 -11.82 -13.10 -7.05
N LYS A 199 -10.69 -12.43 -7.26
CA LYS A 199 -9.93 -11.85 -6.16
C LYS A 199 -10.30 -10.38 -6.00
N ARG A 200 -10.60 -9.98 -4.75
CA ARG A 200 -11.01 -8.62 -4.45
C ARG A 200 -10.10 -8.00 -3.41
N TYR A 201 -9.73 -6.74 -3.62
CA TYR A 201 -8.85 -6.04 -2.70
C TYR A 201 -9.65 -5.17 -1.74
N TYR A 202 -9.43 -5.37 -0.45
CA TYR A 202 -9.92 -4.42 0.55
C TYR A 202 -8.94 -3.25 0.59
N LYS A 203 -7.66 -3.60 0.49
CA LYS A 203 -6.58 -2.62 0.54
C LYS A 203 -5.50 -3.03 -0.46
N ARG A 204 -5.07 -2.08 -1.30
CA ARG A 204 -4.08 -2.38 -2.33
C ARG A 204 -2.81 -1.54 -2.19
N GLU A 205 -1.75 -2.19 -1.71
CA GLU A 205 -0.44 -1.59 -1.54
C GLU A 205 -0.46 -0.27 -0.79
N CYS A 206 -1.07 -0.30 0.40
CA CYS A 206 -1.07 0.83 1.31
C CYS A 206 0.21 0.86 2.15
N PRO A 207 0.56 2.03 2.71
CA PRO A 207 1.77 2.14 3.52
C PRO A 207 1.77 1.23 4.75
N LEU A 208 2.87 0.53 4.98
CA LEU A 208 3.03 -0.31 6.15
C LEU A 208 4.00 0.33 7.15
N PRO A 209 3.46 0.99 8.17
CA PRO A 209 4.26 1.79 9.11
C PRO A 209 4.99 0.96 10.16
N MET A 210 5.48 -0.21 9.77
CA MET A 210 6.28 -1.03 10.66
C MET A 210 7.72 -0.53 10.65
N SER A 211 8.29 -0.34 11.84
CA SER A 211 9.68 0.11 11.94
C SER A 211 10.63 -0.95 11.43
N LEU A 212 11.57 -0.53 10.58
CA LEU A 212 12.60 -1.41 10.06
C LEU A 212 13.74 -1.53 11.07
N PRO A 213 14.57 -2.58 10.96
CA PRO A 213 15.68 -2.69 11.90
C PRO A 213 16.73 -1.60 11.67
N ASN A 214 17.15 -0.93 12.74
CA ASN A 214 18.18 0.08 12.64
C ASN A 214 19.57 -0.44 13.04
N ASP A 222 26.73 -6.39 16.28
CA ASP A 222 25.55 -6.73 17.07
C ASP A 222 25.49 -8.24 17.30
N ALA A 223 24.95 -8.65 18.45
CA ALA A 223 24.92 -10.07 18.83
C ALA A 223 23.87 -10.88 18.06
N ASN A 224 22.84 -10.19 17.58
CA ASN A 224 21.74 -10.85 16.88
C ASN A 224 21.82 -10.71 15.35
N LEU A 225 22.97 -10.28 14.85
CA LEU A 225 23.17 -10.04 13.42
C LEU A 225 22.76 -11.24 12.56
N ASP A 226 22.93 -12.45 13.10
CA ASP A 226 22.55 -13.65 12.36
C ASP A 226 21.06 -13.61 12.00
N TYR A 227 20.25 -13.01 12.87
CA TYR A 227 18.81 -12.97 12.64
C TYR A 227 18.44 -12.02 11.50
N TYR A 228 19.10 -10.86 11.45
CA TYR A 228 18.77 -9.86 10.45
C TYR A 228 19.38 -10.17 9.09
N ASN A 229 20.33 -11.09 9.07
CA ASN A 229 20.82 -11.63 7.80
C ASN A 229 19.83 -12.67 7.31
N PHE A 230 19.12 -13.26 8.27
CA PHE A 230 18.12 -14.28 8.02
C PHE A 230 16.77 -13.64 7.75
N ASN A 231 16.53 -12.50 8.39
CA ASN A 231 15.28 -11.76 8.25
C ASN A 231 15.55 -10.26 8.23
N PRO A 232 15.91 -9.72 7.06
CA PRO A 232 16.31 -8.31 6.89
C PRO A 232 15.21 -7.33 7.30
N MET A 233 13.96 -7.66 7.03
CA MET A 233 12.84 -6.78 7.36
C MET A 233 12.55 -6.76 8.86
N GLY A 234 13.02 -7.78 9.56
CA GLY A 234 12.81 -7.87 11.00
C GLY A 234 11.40 -8.28 11.37
N ILE A 235 10.66 -8.83 10.41
CA ILE A 235 9.30 -9.28 10.67
C ILE A 235 9.32 -10.62 11.39
N LYS A 236 9.23 -10.58 12.72
CA LYS A 236 9.30 -11.79 13.52
C LYS A 236 8.12 -12.70 13.22
N SER A 237 6.92 -12.12 13.13
CA SER A 237 5.77 -12.85 12.61
C SER A 237 4.67 -11.90 12.14
N LEU A 238 3.72 -12.45 11.41
CA LEU A 238 2.51 -11.73 11.02
C LEU A 238 1.38 -12.74 10.87
N PHE A 239 0.15 -12.30 11.15
CA PHE A 239 -1.00 -13.20 11.14
C PHE A 239 -2.31 -12.46 11.26
N PHE A 240 -3.39 -13.13 10.88
CA PHE A 240 -4.72 -12.63 11.20
C PHE A 240 -5.01 -12.94 12.66
N SER A 241 -5.71 -12.05 13.34
CA SER A 241 -6.14 -12.34 14.70
C SER A 241 -7.22 -13.41 14.64
N SER A 242 -7.55 -14.00 15.78
CA SER A 242 -8.61 -15.00 15.82
C SER A 242 -9.94 -14.42 15.33
N TYR A 243 -10.12 -13.12 15.50
CA TYR A 243 -11.34 -12.46 15.04
C TYR A 243 -11.20 -11.88 13.64
N GLY A 244 -10.07 -12.13 12.99
CA GLY A 244 -9.90 -11.79 11.59
C GLY A 244 -9.25 -10.46 11.25
N ASP A 245 -8.58 -9.85 12.22
CA ASP A 245 -7.85 -8.60 11.96
C ASP A 245 -6.36 -8.85 11.76
N PRO A 246 -5.78 -8.28 10.68
CA PRO A 246 -4.36 -8.44 10.35
C PRO A 246 -3.44 -7.88 11.43
N CYS A 247 -2.40 -8.64 11.78
CA CYS A 247 -1.43 -8.22 12.78
C CYS A 247 0.00 -8.42 12.29
N ILE A 248 0.92 -7.63 12.81
CA ILE A 248 2.32 -7.76 12.43
C ILE A 248 3.22 -7.42 13.64
N PHE A 249 4.37 -8.07 13.70
CA PHE A 249 5.25 -7.98 14.85
C PHE A 249 6.70 -7.82 14.37
N GLY A 250 7.19 -6.58 14.43
CA GLY A 250 8.52 -6.26 13.92
C GLY A 250 9.62 -6.27 14.96
N SER A 251 10.79 -5.78 14.56
CA SER A 251 11.97 -5.84 15.42
C SER A 251 11.87 -4.90 16.62
N ASP A 252 10.94 -3.94 16.57
CA ASP A 252 10.72 -3.06 17.70
C ASP A 252 9.84 -3.75 18.75
N ASN A 253 9.45 -4.99 18.45
CA ASN A 253 8.70 -5.84 19.37
C ASN A 253 7.38 -5.23 19.80
N THR A 254 6.78 -4.47 18.89
CA THR A 254 5.46 -3.90 19.11
C THR A 254 4.47 -4.61 18.22
N LEU A 255 3.35 -5.05 18.81
CA LEU A 255 2.30 -5.69 18.04
C LEU A 255 1.42 -4.64 17.39
N LEU A 256 1.45 -4.61 16.05
CA LEU A 256 0.62 -3.68 15.30
C LEU A 256 -0.60 -4.38 14.72
N LEU A 257 -1.78 -3.81 15.00
CA LEU A 257 -3.02 -4.36 14.48
C LEU A 257 -3.67 -3.37 13.51
N LEU A 258 -4.15 -3.88 12.37
CA LEU A 258 -4.81 -3.04 11.40
C LEU A 258 -6.29 -2.88 11.74
N SER A 259 -6.70 -1.63 11.98
CA SER A 259 -8.07 -1.32 12.35
C SER A 259 -8.82 -0.70 11.17
N LYS A 260 -10.12 -0.97 11.09
CA LYS A 260 -11.00 -0.37 10.09
C LYS A 260 -10.59 -0.69 8.66
N TRP A 261 -10.08 -1.89 8.44
CA TRP A 261 -9.60 -2.27 7.11
C TRP A 261 -10.72 -2.47 6.10
N ARG A 262 -11.97 -2.51 6.56
CA ARG A 262 -13.09 -2.68 5.65
C ARG A 262 -13.49 -1.34 5.03
N SER A 263 -12.99 -0.26 5.61
CA SER A 263 -13.20 1.08 5.08
C SER A 263 -11.86 1.69 4.68
N PRO A 264 -11.56 1.68 3.37
CA PRO A 264 -10.27 2.13 2.81
C PRO A 264 -9.78 3.47 3.36
N GLU A 265 -10.67 4.44 3.50
CA GLU A 265 -10.28 5.77 3.97
C GLU A 265 -10.11 5.86 5.48
N GLU A 266 -10.52 4.82 6.21
CA GLU A 266 -10.52 4.87 7.67
C GLU A 266 -9.49 3.93 8.32
N SER A 267 -8.78 3.17 7.49
CA SER A 267 -7.88 2.14 8.01
C SER A 267 -6.67 2.72 8.74
N LYS A 268 -6.36 2.15 9.91
CA LYS A 268 -5.27 2.63 10.76
C LYS A 268 -4.50 1.45 11.34
N TRP A 269 -3.19 1.60 11.48
CA TRP A 269 -2.42 0.61 12.22
C TRP A 269 -2.32 1.05 13.69
N LEU A 270 -2.69 0.16 14.60
CA LEU A 270 -2.69 0.46 16.02
C LEU A 270 -1.63 -0.33 16.78
N PRO A 271 -0.75 0.38 17.51
CA PRO A 271 0.13 -0.35 18.42
C PRO A 271 -0.67 -0.77 19.67
N ILE A 272 -0.82 -2.06 19.88
CA ILE A 272 -1.68 -2.55 20.96
C ILE A 272 -0.91 -3.37 21.98
N LEU A 273 0.40 -3.43 21.82
CA LEU A 273 1.25 -4.11 22.80
C LEU A 273 2.71 -3.76 22.62
N ASP A 274 3.29 -3.08 23.61
CA ASP A 274 4.72 -2.90 23.69
C ASP A 274 5.29 -4.01 24.57
N SER A 275 5.75 -5.09 23.94
CA SER A 275 6.18 -6.27 24.69
C SER A 275 7.43 -5.98 25.50
N ASN A 276 8.23 -5.02 25.05
CA ASN A 276 9.39 -4.57 25.81
C ASN A 276 8.97 -4.01 27.16
N MET A 277 7.89 -3.23 27.15
CA MET A 277 7.38 -2.60 28.35
C MET A 277 6.76 -3.63 29.30
N GLU A 278 6.12 -4.65 28.74
CA GLU A 278 5.50 -5.69 29.56
C GLU A 278 6.54 -6.51 30.29
N ILE A 279 7.63 -6.84 29.58
CA ILE A 279 8.74 -7.57 30.19
C ILE A 279 9.38 -6.71 31.28
N TRP A 280 9.49 -5.42 31.01
CA TRP A 280 10.01 -4.45 31.98
C TRP A 280 9.15 -4.44 33.23
N LYS A 281 7.83 -4.50 33.05
CA LYS A 281 6.89 -4.51 34.17
C LYS A 281 6.96 -5.84 34.93
N MET A 282 7.12 -6.94 34.18
CA MET A 282 7.24 -8.26 34.77
C MET A 282 8.48 -8.39 35.63
N SER A 283 9.56 -7.73 35.22
CA SER A 283 10.84 -7.82 35.89
C SER A 283 10.94 -6.85 37.06
N GLY A 284 9.81 -6.31 37.49
CA GLY A 284 9.76 -5.35 38.58
C GLY A 284 10.49 -4.05 38.26
N GLY A 285 10.23 -3.52 37.08
CA GLY A 285 10.79 -2.24 36.68
C GLY A 285 12.29 -2.27 36.39
N LYS A 286 12.80 -3.45 36.06
CA LYS A 286 14.23 -3.61 35.79
C LYS A 286 14.50 -3.87 34.31
N GLU A 287 15.51 -3.20 33.78
CA GLU A 287 15.95 -3.44 32.41
C GLU A 287 16.65 -4.79 32.29
N THR A 288 16.17 -5.63 31.37
CA THR A 288 16.81 -6.91 31.12
C THR A 288 17.41 -6.93 29.72
N THR A 289 18.15 -7.99 29.41
CA THR A 289 18.73 -8.19 28.09
C THR A 289 18.58 -9.63 27.65
N ASP A 290 18.07 -10.46 28.55
CA ASP A 290 18.02 -11.90 28.33
C ASP A 290 16.60 -12.45 28.23
N ILE A 291 15.60 -11.57 28.24
CA ILE A 291 14.21 -12.00 28.05
C ILE A 291 13.63 -11.39 26.78
N HIS A 292 13.09 -12.23 25.91
CA HIS A 292 12.55 -11.77 24.64
C HIS A 292 11.21 -12.43 24.30
N VAL A 293 10.42 -11.77 23.46
CA VAL A 293 9.12 -12.31 23.07
C VAL A 293 9.14 -12.81 21.64
N TRP A 294 8.61 -14.02 21.44
CA TRP A 294 8.46 -14.59 20.10
C TRP A 294 6.98 -14.80 19.83
N PRO A 295 6.42 -14.04 18.89
CA PRO A 295 4.97 -14.01 18.68
C PRO A 295 4.42 -15.23 17.94
N LEU A 296 3.34 -15.81 18.46
CA LEU A 296 2.72 -16.96 17.81
C LEU A 296 1.40 -16.57 17.18
N ALA A 297 0.55 -15.91 17.96
CA ALA A 297 -0.79 -15.58 17.53
C ALA A 297 -1.43 -14.56 18.46
N LEU A 298 -2.51 -13.94 17.99
CA LEU A 298 -3.32 -13.07 18.82
C LEU A 298 -4.72 -13.64 18.97
N ALA A 299 -5.09 -13.95 20.20
CA ALA A 299 -6.43 -14.46 20.50
C ALA A 299 -7.21 -13.45 21.32
N TYR A 300 -8.07 -12.69 20.65
CA TYR A 300 -8.87 -11.64 21.29
C TYR A 300 -7.98 -10.57 21.93
N ASP A 301 -7.61 -10.78 23.19
CA ASP A 301 -6.89 -9.74 23.95
C ASP A 301 -5.56 -10.26 24.46
N THR A 302 -5.16 -11.42 23.97
CA THR A 302 -4.01 -12.11 24.51
C THR A 302 -3.04 -12.53 23.42
N LEU A 303 -1.79 -12.14 23.56
CA LEU A 303 -0.76 -12.59 22.64
C LEU A 303 -0.20 -13.94 23.07
N ASN A 304 -0.42 -14.96 22.25
N ASN A 304 -0.43 -14.95 22.24
CA ASN A 304 0.21 -16.25 22.45
CA ASN A 304 0.20 -16.24 22.43
C ASN A 304 1.64 -16.15 21.97
C ASN A 304 1.65 -16.15 21.96
N CYS A 305 2.60 -16.50 22.84
CA CYS A 305 4.00 -16.33 22.50
C CYS A 305 4.92 -17.31 23.21
N ILE A 306 6.19 -17.24 22.84
CA ILE A 306 7.26 -17.95 23.53
C ILE A 306 8.12 -16.92 24.26
N LEU A 307 8.37 -17.15 25.54
CA LEU A 307 9.30 -16.30 26.28
C LEU A 307 10.70 -16.88 26.21
N VAL A 308 11.56 -16.23 25.45
CA VAL A 308 12.91 -16.72 25.20
C VAL A 308 13.89 -16.19 26.23
N LYS A 309 14.40 -17.08 27.08
CA LYS A 309 15.42 -16.69 28.04
C LYS A 309 16.79 -17.13 27.53
N GLY A 310 17.65 -16.16 27.26
CA GLY A 310 18.97 -16.46 26.71
C GLY A 310 19.60 -15.29 26.01
N LYS A 311 20.74 -15.54 25.37
CA LYS A 311 21.49 -14.49 24.69
C LYS A 311 20.80 -14.06 23.40
N HIS A 312 20.39 -15.04 22.59
CA HIS A 312 19.71 -14.77 21.33
C HIS A 312 18.24 -14.43 21.53
N ILE A 313 17.64 -13.74 20.56
CA ILE A 313 16.27 -13.27 20.67
C ILE A 313 15.26 -14.26 20.09
N TRP A 314 15.75 -15.35 19.51
CA TRP A 314 14.87 -16.37 18.97
C TRP A 314 14.90 -17.64 19.83
N PRO A 315 13.80 -18.41 19.83
CA PRO A 315 13.67 -19.61 20.67
C PRO A 315 14.66 -20.71 20.30
N GLU A 316 14.89 -21.62 21.24
CA GLU A 316 15.86 -22.69 21.06
C GLU A 316 15.24 -24.08 21.18
N PHE A 317 16.09 -25.08 21.34
CA PHE A 317 15.65 -26.46 21.52
C PHE A 317 16.06 -26.93 22.91
N PRO A 318 15.12 -27.52 23.66
CA PRO A 318 13.73 -27.75 23.27
C PRO A 318 12.89 -26.49 23.39
N LEU A 319 11.77 -26.44 22.67
CA LEU A 319 10.92 -25.27 22.70
C LEU A 319 10.15 -25.22 24.01
N PRO A 320 10.22 -24.08 24.71
CA PRO A 320 9.47 -23.87 25.95
C PRO A 320 7.97 -23.98 25.72
N LEU A 321 7.20 -24.09 26.79
CA LEU A 321 5.76 -24.04 26.69
C LEU A 321 5.34 -22.61 26.35
N PRO A 322 4.31 -22.47 25.51
CA PRO A 322 3.81 -21.14 25.15
C PRO A 322 3.32 -20.35 26.36
N SER A 323 3.52 -19.04 26.32
CA SER A 323 3.04 -18.17 27.39
C SER A 323 1.90 -17.32 26.86
N GLU A 324 1.31 -16.53 27.76
CA GLU A 324 0.26 -15.62 27.35
C GLU A 324 0.60 -14.22 27.85
N MET A 325 0.46 -13.24 26.96
CA MET A 325 0.73 -11.86 27.31
C MET A 325 -0.46 -11.00 26.91
N GLU A 326 -1.21 -10.53 27.91
CA GLU A 326 -2.37 -9.68 27.66
C GLU A 326 -1.92 -8.38 27.00
N ILE A 327 -2.63 -7.99 25.95
CA ILE A 327 -2.30 -6.75 25.25
C ILE A 327 -2.59 -5.55 26.12
N ARG A 328 -1.76 -4.51 25.99
CA ARG A 328 -1.90 -3.29 26.75
C ARG A 328 -1.61 -2.08 25.88
N MET A 329 -2.47 -1.07 25.93
CA MET A 329 -2.23 0.17 25.19
C MET A 329 -0.94 0.84 25.69
N PRO A 330 -0.11 1.32 24.76
CA PRO A 330 1.17 1.92 25.15
C PRO A 330 1.00 3.33 25.69
N VAL A 331 0.45 3.44 26.90
CA VAL A 331 0.22 4.72 27.55
C VAL A 331 0.85 4.80 28.93
N PHE A 332 1.64 3.79 29.28
CA PHE A 332 2.33 3.78 30.57
C PHE A 332 3.73 4.37 30.44
N VAL A 333 4.09 5.23 31.39
CA VAL A 333 5.42 5.84 31.41
C VAL A 333 6.26 5.23 32.52
N LYS A 334 7.48 4.83 32.19
CA LYS A 334 8.36 4.16 33.15
C LYS A 334 8.62 5.01 34.38
N SER A 335 9.01 6.27 34.17
CA SER A 335 9.33 7.17 35.27
C SER A 335 8.17 7.32 36.25
N LYS A 336 6.94 7.37 35.73
CA LYS A 336 5.77 7.53 36.59
C LYS A 336 5.37 6.22 37.26
N LEU A 337 5.74 5.09 36.65
CA LEU A 337 5.46 3.78 37.23
C LEU A 337 6.41 3.50 38.39
N LEU A 338 7.62 4.02 38.27
CA LEU A 338 8.64 3.86 39.31
C LEU A 338 8.24 4.63 40.58
N GLU A 339 7.74 5.85 40.39
CA GLU A 339 7.33 6.71 41.50
C GLU A 339 6.23 6.07 42.36
N GLU A 340 5.36 5.30 41.72
CA GLU A 340 4.23 4.69 42.42
C GLU A 340 4.62 3.39 43.12
N ASN A 341 5.88 2.99 42.96
CA ASN A 341 6.41 1.81 43.66
C ASN A 341 7.46 2.19 44.69
N GLU A 365 6.77 -7.75 40.74
CA GLU A 365 6.07 -7.19 39.58
C GLU A 365 5.55 -5.78 39.90
N ILE A 366 5.61 -4.90 38.90
CA ILE A 366 5.22 -3.49 39.07
C ILE A 366 3.75 -3.33 39.40
N GLN A 367 3.46 -2.51 40.40
CA GLN A 367 2.08 -2.18 40.76
C GLN A 367 1.64 -0.94 39.99
N ILE A 368 0.39 -0.95 39.52
CA ILE A 368 -0.14 0.17 38.74
C ILE A 368 -1.21 0.95 39.51
N PRO A 369 -1.03 2.27 39.60
CA PRO A 369 -2.02 3.19 40.21
C PRO A 369 -3.39 3.10 39.54
N VAL A 370 -4.42 2.84 40.34
CA VAL A 370 -5.78 2.63 39.87
C VAL A 370 -6.27 3.66 38.85
N SER A 371 -5.83 4.91 38.99
CA SER A 371 -6.22 5.96 38.07
C SER A 371 -5.53 5.78 36.72
N MET A 372 -4.25 5.45 36.75
CA MET A 372 -3.49 5.23 35.52
C MET A 372 -3.92 3.93 34.85
N ALA A 373 -4.31 2.95 35.65
CA ALA A 373 -4.77 1.67 35.12
C ALA A 373 -6.13 1.79 34.45
N ALA A 374 -6.94 2.73 34.94
CA ALA A 374 -8.28 2.92 34.43
C ALA A 374 -8.24 3.57 33.05
N GLU A 375 -7.24 4.42 32.85
CA GLU A 375 -7.07 5.10 31.57
C GLU A 375 -6.72 4.11 30.47
N GLU A 376 -5.76 3.22 30.76
CA GLU A 376 -5.36 2.20 29.80
C GLU A 376 -6.51 1.23 29.54
N GLU A 377 -7.24 0.88 30.60
CA GLU A 377 -8.35 -0.06 30.46
C GLU A 377 -9.45 0.55 29.60
N TYR A 378 -9.64 1.86 29.75
CA TYR A 378 -10.62 2.59 28.93
C TYR A 378 -10.23 2.52 27.45
N LEU A 379 -8.97 2.86 27.15
CA LEU A 379 -8.49 2.83 25.78
C LEU A 379 -8.55 1.43 25.18
N ARG A 380 -8.08 0.45 25.94
CA ARG A 380 -8.03 -0.92 25.46
C ARG A 380 -9.43 -1.44 25.18
N SER A 381 -10.35 -1.17 26.09
CA SER A 381 -11.74 -1.58 25.90
C SER A 381 -12.34 -0.88 24.70
N LYS A 382 -12.03 0.40 24.54
CA LYS A 382 -12.54 1.19 23.43
C LYS A 382 -12.12 0.62 22.08
N VAL A 383 -10.82 0.30 21.96
CA VAL A 383 -10.28 -0.22 20.72
C VAL A 383 -10.83 -1.60 20.38
N LEU A 384 -10.79 -2.50 21.37
CA LEU A 384 -11.23 -3.87 21.16
C LEU A 384 -12.73 -3.90 20.84
N SER A 385 -13.48 -3.03 21.51
CA SER A 385 -14.92 -2.93 21.28
C SER A 385 -15.21 -2.50 19.84
N GLU A 386 -14.47 -1.51 19.36
CA GLU A 386 -14.68 -0.95 18.04
C GLU A 386 -14.35 -1.96 16.96
N LEU A 387 -13.28 -2.71 17.18
CA LEU A 387 -12.86 -3.76 16.25
C LEU A 387 -13.87 -4.88 16.18
N LEU A 388 -14.29 -5.35 17.35
CA LEU A 388 -15.15 -6.51 17.45
C LEU A 388 -16.54 -6.20 16.91
N THR A 389 -17.03 -5.00 17.20
CA THR A 389 -18.32 -4.56 16.68
C THR A 389 -18.28 -4.51 15.15
N ASP A 390 -17.18 -4.02 14.60
CA ASP A 390 -17.01 -3.97 13.14
C ASP A 390 -17.01 -5.37 12.55
N THR A 391 -16.42 -6.31 13.28
CA THR A 391 -16.41 -7.70 12.85
C THR A 391 -17.84 -8.25 12.79
N LEU A 392 -18.58 -8.03 13.86
CA LEU A 392 -19.94 -8.56 13.98
C LEU A 392 -20.90 -7.88 13.01
N GLU A 393 -20.69 -6.60 12.76
CA GLU A 393 -21.56 -5.86 11.84
C GLU A 393 -21.33 -6.24 10.37
N ASN A 394 -20.25 -6.95 10.07
CA ASN A 394 -19.94 -7.30 8.69
C ASN A 394 -19.78 -8.79 8.40
N ASP A 395 -19.12 -9.51 9.30
CA ASP A 395 -18.80 -10.91 9.04
C ASP A 395 -19.52 -11.86 10.00
N GLY A 396 -20.03 -11.33 11.10
CA GLY A 396 -20.67 -12.17 12.08
C GLY A 396 -19.68 -12.93 12.95
N GLU A 397 -20.17 -13.98 13.58
CA GLU A 397 -19.41 -14.78 14.54
C GLU A 397 -18.51 -15.83 13.91
N MET A 398 -17.50 -16.27 14.67
CA MET A 398 -16.60 -17.33 14.22
C MET A 398 -16.47 -18.45 15.26
N TYR A 399 -16.39 -18.08 16.53
CA TYR A 399 -16.14 -19.04 17.60
C TYR A 399 -17.36 -19.32 18.48
N GLY A 400 -18.28 -18.37 18.55
CA GLY A 400 -19.52 -18.59 19.25
C GLY A 400 -19.66 -17.83 20.56
N ASN A 401 -18.63 -17.07 20.91
CA ASN A 401 -18.68 -16.30 22.14
C ASN A 401 -18.46 -14.81 21.93
N GLU A 402 -18.41 -14.40 20.66
CA GLU A 402 -18.11 -13.00 20.33
C GLU A 402 -19.14 -12.04 20.92
N ASN A 403 -20.42 -12.40 20.85
CA ASN A 403 -21.47 -11.53 21.38
C ASN A 403 -21.32 -11.29 22.87
N GLU A 404 -20.91 -12.33 23.58
CA GLU A 404 -20.70 -12.25 25.01
C GLU A 404 -19.42 -11.47 25.34
N VAL A 405 -18.40 -11.68 24.53
CA VAL A 405 -17.14 -10.94 24.65
C VAL A 405 -17.37 -9.44 24.45
N LEU A 406 -18.14 -9.09 23.43
CA LEU A 406 -18.45 -7.69 23.16
C LEU A 406 -19.24 -7.03 24.30
N ALA A 407 -20.16 -7.76 24.88
CA ALA A 407 -20.96 -7.23 25.99
C ALA A 407 -20.08 -6.94 27.20
N ALA A 408 -19.25 -7.90 27.57
CA ALA A 408 -18.33 -7.74 28.69
C ALA A 408 -17.34 -6.61 28.41
N LEU A 409 -16.99 -6.47 27.15
CA LEU A 409 -16.06 -5.45 26.70
C LEU A 409 -16.61 -4.06 26.98
N ASN A 410 -17.84 -3.82 26.52
CA ASN A 410 -18.52 -2.56 26.76
C ASN A 410 -18.74 -2.29 28.25
N GLY A 411 -18.96 -3.36 29.02
CA GLY A 411 -19.06 -3.23 30.46
C GLY A 411 -17.76 -2.72 31.06
N ALA A 412 -16.65 -3.35 30.68
CA ALA A 412 -15.33 -2.95 31.15
C ALA A 412 -15.03 -1.52 30.76
N TYR A 413 -15.51 -1.13 29.58
CA TYR A 413 -15.33 0.21 29.04
C TYR A 413 -15.94 1.25 29.97
N ASP A 414 -17.24 1.14 30.22
CA ASP A 414 -17.95 2.09 31.06
C ASP A 414 -17.42 2.10 32.49
N LYS A 415 -17.04 0.93 32.99
CA LYS A 415 -16.52 0.80 34.34
C LYS A 415 -15.24 1.61 34.52
N ALA A 416 -14.30 1.44 33.59
CA ALA A 416 -13.04 2.15 33.63
C ALA A 416 -13.28 3.65 33.44
N LEU A 417 -14.25 3.97 32.60
CA LEU A 417 -14.61 5.35 32.32
C LEU A 417 -15.16 6.04 33.57
N LEU A 418 -15.94 5.30 34.36
CA LEU A 418 -16.53 5.85 35.58
C LEU A 418 -15.49 6.12 36.66
N ARG A 419 -14.44 5.31 36.70
CA ARG A 419 -13.34 5.54 37.62
C ARG A 419 -12.62 6.84 37.27
N LEU A 420 -12.48 7.11 35.97
CA LEU A 420 -11.87 8.35 35.51
C LEU A 420 -12.77 9.52 35.85
N PHE A 421 -14.07 9.30 35.73
CA PHE A 421 -15.08 10.32 36.06
C PHE A 421 -15.02 10.66 37.55
N ALA A 422 -14.84 9.64 38.37
CA ALA A 422 -14.74 9.82 39.82
C ALA A 422 -13.54 10.69 40.18
N SER A 423 -12.39 10.37 39.59
CA SER A 423 -11.17 11.12 39.82
C SER A 423 -11.33 12.58 39.43
N ALA A 424 -11.98 12.81 38.28
CA ALA A 424 -12.20 14.17 37.79
C ALA A 424 -13.12 14.93 38.74
N CYS A 425 -14.09 14.23 39.31
CA CYS A 425 -15.00 14.82 40.27
C CYS A 425 -14.26 15.10 41.58
N SER A 426 -13.37 14.19 41.94
CA SER A 426 -12.57 14.33 43.16
C SER A 426 -11.64 15.54 43.06
N ASP A 427 -11.24 15.89 41.84
CA ASP A 427 -10.36 17.02 41.62
C ASP A 427 -11.14 18.26 41.19
N GLN A 428 -12.45 18.22 41.40
CA GLN A 428 -13.33 19.35 41.12
C GLN A 428 -13.27 19.81 39.67
N ASN A 429 -12.84 18.91 38.78
CA ASN A 429 -12.72 19.22 37.37
C ASN A 429 -14.00 18.93 36.60
N VAL A 430 -14.98 19.84 36.74
CA VAL A 430 -16.30 19.64 36.17
C VAL A 430 -16.28 19.49 34.64
N GLU A 431 -15.41 20.26 33.98
CA GLU A 431 -15.33 20.23 32.53
C GLU A 431 -14.83 18.89 32.00
N LYS A 432 -13.74 18.40 32.59
CA LYS A 432 -13.16 17.12 32.19
C LYS A 432 -14.12 15.98 32.49
N ALA A 433 -14.83 16.12 33.61
CA ALA A 433 -15.79 15.10 34.03
C ALA A 433 -16.94 15.00 33.04
N LEU A 434 -17.40 16.14 32.54
CA LEU A 434 -18.49 16.17 31.57
C LEU A 434 -18.06 15.52 30.26
N SER A 435 -16.82 15.77 29.85
CA SER A 435 -16.29 15.19 28.61
C SER A 435 -16.21 13.67 28.71
N LEU A 436 -15.81 13.19 29.89
CA LEU A 436 -15.75 11.76 30.15
C LEU A 436 -17.15 11.14 30.09
N ALA A 437 -18.13 11.87 30.63
CA ALA A 437 -19.50 11.41 30.69
C ALA A 437 -20.09 11.22 29.31
N HIS A 438 -19.71 12.10 28.39
CA HIS A 438 -20.18 12.03 27.01
C HIS A 438 -19.75 10.73 26.35
N GLU A 439 -18.64 10.17 26.82
CA GLU A 439 -18.07 8.97 26.20
C GLU A 439 -18.68 7.68 26.75
N LEU A 440 -19.56 7.81 27.73
CA LEU A 440 -20.21 6.64 28.32
C LEU A 440 -21.14 5.97 27.34
N LYS A 441 -21.30 4.66 27.48
CA LYS A 441 -22.13 3.87 26.58
C LYS A 441 -23.51 3.61 27.18
N GLN A 442 -23.53 2.95 28.33
CA GLN A 442 -24.78 2.55 28.97
C GLN A 442 -25.51 3.71 29.63
N ASP A 443 -26.83 3.73 29.48
CA ASP A 443 -27.67 4.68 30.18
C ASP A 443 -27.54 4.48 31.68
N ARG A 444 -27.25 3.24 32.05
CA ARG A 444 -27.02 2.88 33.45
C ARG A 444 -25.72 3.46 33.97
N ALA A 445 -24.79 3.75 33.06
CA ALA A 445 -23.52 4.35 33.43
C ALA A 445 -23.68 5.85 33.62
N LEU A 446 -24.50 6.47 32.78
CA LEU A 446 -24.85 7.88 32.93
C LEU A 446 -25.54 8.11 34.27
N THR A 447 -26.41 7.18 34.65
CA THR A 447 -27.09 7.24 35.94
C THR A 447 -26.10 7.22 37.10
N ALA A 448 -25.17 6.27 37.04
CA ALA A 448 -24.14 6.15 38.06
C ALA A 448 -23.29 7.41 38.13
N ALA A 449 -23.07 8.03 36.97
CA ALA A 449 -22.30 9.26 36.90
C ALA A 449 -23.03 10.40 37.60
N VAL A 450 -24.35 10.43 37.45
CA VAL A 450 -25.17 11.44 38.11
C VAL A 450 -25.05 11.31 39.62
N LYS A 451 -25.14 10.08 40.12
CA LYS A 451 -25.04 9.81 41.55
C LYS A 451 -23.68 10.22 42.11
N ILE A 452 -22.62 10.00 41.32
CA ILE A 452 -21.28 10.38 41.72
C ILE A 452 -21.14 11.90 41.78
N SER A 453 -21.76 12.59 40.83
CA SER A 453 -21.76 14.05 40.81
C SER A 453 -22.52 14.63 42.00
N GLU A 454 -23.60 13.95 42.38
CA GLU A 454 -24.41 14.36 43.52
C GLU A 454 -23.61 14.28 44.83
N ARG A 455 -22.96 13.15 45.06
CA ARG A 455 -22.14 12.99 46.26
C ARG A 455 -20.97 13.97 46.27
N ALA A 456 -20.42 14.26 45.09
CA ALA A 456 -19.31 15.19 44.96
C ALA A 456 -19.80 16.64 45.10
N GLU A 457 -21.12 16.79 45.19
CA GLU A 457 -21.75 18.09 45.35
C GLU A 457 -21.41 19.02 44.18
N LEU A 458 -21.75 18.57 42.98
CA LEU A 458 -21.50 19.34 41.77
C LEU A 458 -22.80 19.50 40.98
N PRO A 459 -23.65 20.44 41.41
CA PRO A 459 -25.00 20.61 40.86
C PRO A 459 -25.00 21.02 39.38
N SER A 460 -23.99 21.79 38.97
CA SER A 460 -23.90 22.23 37.58
C SER A 460 -23.58 21.05 36.67
N LEU A 461 -22.78 20.12 37.17
CA LEU A 461 -22.44 18.91 36.44
C LEU A 461 -23.66 18.00 36.27
N VAL A 462 -24.42 17.84 37.35
CA VAL A 462 -25.62 17.02 37.36
C VAL A 462 -26.61 17.47 36.28
N LYS A 463 -26.83 18.78 36.19
CA LYS A 463 -27.76 19.33 35.21
C LYS A 463 -27.30 19.03 33.78
N LYS A 464 -26.00 19.16 33.54
CA LYS A 464 -25.46 18.93 32.19
C LYS A 464 -25.45 17.45 31.81
N ILE A 465 -25.21 16.58 32.78
CA ILE A 465 -25.27 15.14 32.54
C ILE A 465 -26.71 14.69 32.32
N ASN A 466 -27.63 15.24 33.11
CA ASN A 466 -29.05 14.95 32.93
C ASN A 466 -29.55 15.44 31.58
N ASN A 467 -28.88 16.45 31.04
CA ASN A 467 -29.17 16.91 29.68
C ASN A 467 -28.80 15.83 28.66
N ILE A 468 -27.71 15.12 28.92
CA ILE A 468 -27.28 14.02 28.06
C ILE A 468 -28.30 12.88 28.08
N ARG A 469 -28.76 12.53 29.27
CA ARG A 469 -29.75 11.46 29.44
C ARG A 469 -31.06 11.77 28.73
N GLU A 470 -31.55 13.00 28.88
CA GLU A 470 -32.79 13.42 28.24
C GLU A 470 -32.61 13.52 26.74
N ALA A 471 -31.43 13.95 26.31
CA ALA A 471 -31.13 14.06 24.88
C ALA A 471 -31.16 12.70 24.21
N ARG A 472 -30.71 11.68 24.94
CA ARG A 472 -30.74 10.31 24.42
C ARG A 472 -32.15 9.72 24.48
N TYR A 473 -32.88 10.02 25.55
CA TYR A 473 -34.26 9.59 25.67
C TYR A 473 -35.13 10.20 24.57
N GLU A 474 -34.79 11.42 24.17
CA GLU A 474 -35.51 12.11 23.11
C GLU A 474 -35.26 11.44 21.76
N GLN A 475 -34.01 11.03 21.54
CA GLN A 475 -33.67 10.31 20.32
C GLN A 475 -34.37 8.95 20.28
N GLN A 476 -34.69 8.43 21.47
CA GLN A 476 -35.37 7.15 21.61
C GLN A 476 -36.84 7.25 21.19
N LEU A 477 -37.34 8.49 21.13
CA LEU A 477 -38.73 8.74 20.80
C LEU A 477 -38.92 8.95 19.30
N LYS A 478 -37.83 8.78 18.56
CA LYS A 478 -37.87 8.95 17.11
C LYS A 478 -37.73 7.61 16.39
N PHE B 25 16.27 11.08 -12.95
CA PHE B 25 15.84 10.22 -14.05
C PHE B 25 15.49 11.02 -15.30
N ARG B 26 15.96 10.54 -16.46
CA ARG B 26 15.77 11.21 -17.74
C ARG B 26 14.59 10.63 -18.52
N TYR B 27 13.57 11.43 -18.76
CA TYR B 27 12.43 10.98 -19.56
C TYR B 27 12.80 10.92 -21.04
N MET B 28 12.68 9.74 -21.62
CA MET B 28 13.01 9.53 -23.02
C MET B 28 11.74 9.41 -23.88
N PRO B 29 11.78 9.90 -25.12
CA PRO B 29 10.63 9.79 -26.01
C PRO B 29 10.27 8.35 -26.32
N PHE B 30 9.05 7.95 -25.95
CA PHE B 30 8.60 6.58 -26.11
C PHE B 30 7.62 6.41 -27.27
N SER B 31 7.75 5.28 -27.97
CA SER B 31 6.75 4.86 -28.95
C SER B 31 6.67 3.34 -28.94
N PRO B 32 5.46 2.80 -29.15
CA PRO B 32 5.25 1.35 -29.10
C PRO B 32 6.15 0.59 -30.08
N ALA B 33 6.95 -0.32 -29.54
CA ALA B 33 7.82 -1.20 -30.31
C ALA B 33 8.87 -0.42 -31.11
N GLY B 34 9.13 0.81 -30.67
CA GLY B 34 10.20 1.60 -31.27
C GLY B 34 11.57 1.03 -30.96
N THR B 35 12.50 1.24 -31.88
CA THR B 35 13.87 0.75 -31.71
C THR B 35 14.84 1.92 -31.74
N PRO B 36 16.03 1.75 -31.15
CA PRO B 36 17.02 2.83 -31.21
C PRO B 36 17.85 2.77 -32.49
N PHE B 37 18.52 3.86 -32.84
CA PHE B 37 19.43 3.85 -33.97
C PHE B 37 20.53 2.84 -33.72
N GLY B 38 21.02 2.82 -32.49
CA GLY B 38 22.15 1.99 -32.13
C GLY B 38 23.39 2.47 -32.86
N PHE B 39 24.09 1.54 -33.47
CA PHE B 39 25.30 1.88 -34.22
C PHE B 39 25.03 2.03 -35.70
N THR B 40 23.74 2.18 -36.06
CA THR B 40 23.35 2.36 -37.45
C THR B 40 22.72 3.74 -37.68
N ASP B 41 22.31 4.02 -38.91
CA ASP B 41 21.74 5.33 -39.24
C ASP B 41 20.23 5.28 -39.46
N ARG B 42 19.61 4.16 -39.12
CA ARG B 42 18.17 4.02 -39.25
C ARG B 42 17.58 3.24 -38.08
N ARG B 43 16.30 3.47 -37.83
CA ARG B 43 15.58 2.80 -36.76
C ARG B 43 14.08 2.83 -37.03
N TYR B 44 13.33 2.08 -36.25
CA TYR B 44 11.87 2.13 -36.33
C TYR B 44 11.32 3.08 -35.29
N LEU B 45 10.47 4.01 -35.72
CA LEU B 45 9.83 4.95 -34.80
C LEU B 45 8.78 4.22 -33.97
N THR B 46 7.93 3.45 -34.64
CA THR B 46 6.89 2.66 -33.98
C THR B 46 6.53 1.46 -34.83
N MET B 47 5.71 0.58 -34.28
CA MET B 47 5.47 -0.72 -34.90
C MET B 47 4.30 -1.44 -34.24
N ASN B 48 3.34 -1.90 -35.01
CA ASN B 48 2.23 -2.70 -34.48
C ASN B 48 1.62 -3.66 -35.51
N GLU B 49 0.36 -4.03 -35.31
CA GLU B 49 -0.30 -4.98 -36.20
C GLU B 49 -0.64 -4.36 -37.56
N VAL B 50 -0.77 -3.03 -37.58
CA VAL B 50 -1.10 -2.31 -38.81
C VAL B 50 0.10 -2.23 -39.76
N GLY B 51 1.27 -1.95 -39.20
CA GLY B 51 2.48 -1.83 -39.99
C GLY B 51 3.64 -1.27 -39.19
N TYR B 52 4.62 -0.70 -39.89
CA TYR B 52 5.80 -0.16 -39.22
C TYR B 52 6.24 1.16 -39.82
N VAL B 53 6.84 2.00 -38.98
CA VAL B 53 7.31 3.32 -39.40
C VAL B 53 8.79 3.46 -39.10
N SER B 54 9.58 3.75 -40.14
CA SER B 54 11.02 3.86 -40.00
C SER B 54 11.52 5.25 -40.38
N THR B 55 12.66 5.62 -39.82
CA THR B 55 13.30 6.88 -40.16
C THR B 55 14.78 6.66 -40.47
N VAL B 56 15.25 7.31 -41.53
CA VAL B 56 16.64 7.20 -41.95
C VAL B 56 17.31 8.57 -41.97
N LYS B 57 18.51 8.65 -41.41
CA LYS B 57 19.28 9.89 -41.44
C LYS B 57 19.68 10.23 -42.87
N ASN B 58 19.15 11.35 -43.37
CA ASN B 58 19.43 11.82 -44.72
C ASN B 58 20.26 13.09 -44.68
N SER B 59 21.57 12.92 -44.47
CA SER B 59 22.48 14.04 -44.28
C SER B 59 22.06 14.90 -43.09
N GLU B 60 21.43 16.03 -43.37
CA GLU B 60 21.03 16.96 -42.33
C GLU B 60 19.54 16.84 -41.99
N GLN B 61 18.83 16.01 -42.75
CA GLN B 61 17.41 15.77 -42.51
C GLN B 61 17.13 14.29 -42.35
N TYR B 62 15.86 13.90 -42.36
CA TYR B 62 15.48 12.50 -42.19
C TYR B 62 14.49 12.04 -43.25
N SER B 63 14.52 10.76 -43.55
CA SER B 63 13.57 10.16 -44.48
C SER B 63 12.67 9.16 -43.76
N ILE B 64 11.40 9.54 -43.59
CA ILE B 64 10.45 8.70 -42.87
C ILE B 64 9.66 7.84 -43.83
N THR B 65 9.58 6.55 -43.53
CA THR B 65 8.81 5.63 -44.36
C THR B 65 7.70 4.96 -43.54
N VAL B 66 6.48 4.99 -44.07
CA VAL B 66 5.34 4.35 -43.42
C VAL B 66 4.91 3.11 -44.22
N SER B 67 5.11 1.94 -43.62
CA SER B 67 4.81 0.68 -44.31
C SER B 67 3.66 -0.05 -43.64
N PHE B 68 3.04 -0.96 -44.38
CA PHE B 68 1.88 -1.70 -43.89
C PHE B 68 2.01 -3.19 -44.13
N PHE B 69 1.39 -3.98 -43.25
CA PHE B 69 1.43 -5.43 -43.36
C PHE B 69 0.35 -5.96 -44.29
N ASP B 70 -0.75 -5.23 -44.39
CA ASP B 70 -1.79 -5.55 -45.36
C ASP B 70 -1.53 -4.72 -46.61
N VAL B 71 -0.67 -5.23 -47.48
CA VAL B 71 -0.26 -4.51 -48.68
C VAL B 71 -1.44 -4.24 -49.60
N GLY B 72 -2.46 -5.09 -49.51
CA GLY B 72 -3.67 -4.90 -50.28
C GLY B 72 -4.43 -3.65 -49.87
N ARG B 73 -4.60 -3.46 -48.56
CA ARG B 73 -5.34 -2.31 -48.04
C ARG B 73 -4.62 -0.98 -48.27
N PHE B 74 -3.40 -0.87 -47.75
CA PHE B 74 -2.70 0.41 -47.74
C PHE B 74 -1.45 0.42 -48.63
N ARG B 75 -1.07 1.62 -49.06
CA ARG B 75 0.10 1.80 -49.90
C ARG B 75 1.24 2.47 -49.13
N GLU B 76 2.38 1.78 -49.08
CA GLU B 76 3.59 2.33 -48.48
C GLU B 76 3.96 3.69 -49.06
N TYR B 77 4.30 4.64 -48.19
CA TYR B 77 4.72 5.96 -48.66
C TYR B 77 5.87 6.48 -47.80
N HIS B 78 6.48 7.57 -48.25
CA HIS B 78 7.58 8.18 -47.53
C HIS B 78 7.60 9.70 -47.71
N PHE B 79 8.32 10.39 -46.83
CA PHE B 79 8.45 11.83 -46.92
C PHE B 79 9.68 12.30 -46.17
N GLU B 80 10.08 13.55 -46.42
CA GLU B 80 11.29 14.09 -45.83
C GLU B 80 10.98 14.83 -44.54
N ASP B 81 11.66 14.43 -43.48
CA ASP B 81 11.43 15.00 -42.17
C ASP B 81 12.48 16.07 -41.86
N LEU B 82 12.05 17.33 -41.96
CA LEU B 82 12.93 18.46 -41.70
C LEU B 82 12.87 18.88 -40.24
N PHE B 83 12.21 18.07 -39.42
CA PHE B 83 11.96 18.46 -38.05
C PHE B 83 12.64 17.51 -37.06
N GLY B 84 12.84 16.27 -37.48
CA GLY B 84 13.48 15.28 -36.64
C GLY B 84 12.51 14.61 -35.69
N TYR B 85 11.40 14.10 -36.23
CA TYR B 85 10.40 13.41 -35.44
C TYR B 85 11.00 12.19 -34.75
N ASP B 86 10.85 12.10 -33.43
CA ASP B 86 11.36 10.97 -32.68
C ASP B 86 10.23 10.26 -31.93
N LEU B 87 9.01 10.75 -32.12
CA LEU B 87 7.81 10.14 -31.57
C LEU B 87 6.83 9.77 -32.68
N CYS B 88 6.21 8.61 -32.56
CA CYS B 88 5.24 8.18 -33.56
C CYS B 88 4.19 7.24 -32.98
N PHE B 89 3.02 7.23 -33.60
CA PHE B 89 1.98 6.27 -33.28
C PHE B 89 1.16 5.96 -34.53
N LEU B 90 0.95 4.67 -34.79
CA LEU B 90 0.26 4.25 -36.00
C LEU B 90 -1.08 3.55 -35.70
N ASN B 91 -2.13 4.01 -36.36
CA ASN B 91 -3.41 3.32 -36.31
C ASN B 91 -3.92 3.05 -37.73
N GLU B 92 -5.15 2.56 -37.85
CA GLU B 92 -5.65 2.10 -39.14
C GLU B 92 -6.12 3.23 -40.06
N LYS B 93 -6.21 4.44 -39.53
CA LYS B 93 -6.71 5.56 -40.34
C LYS B 93 -5.68 6.65 -40.57
N GLY B 94 -4.64 6.69 -39.75
CA GLY B 94 -3.63 7.71 -39.87
C GLY B 94 -2.36 7.46 -39.08
N THR B 95 -1.41 8.37 -39.21
CA THR B 95 -0.15 8.27 -38.47
C THR B 95 0.13 9.57 -37.76
N LEU B 96 0.52 9.47 -36.49
CA LEU B 96 0.84 10.65 -35.69
C LEU B 96 2.34 10.74 -35.50
N PHE B 97 2.90 11.92 -35.74
CA PHE B 97 4.33 12.12 -35.57
C PHE B 97 4.56 13.19 -34.51
N GLY B 98 5.64 13.03 -33.77
CA GLY B 98 5.94 13.96 -32.69
C GLY B 98 7.41 14.30 -32.61
N GLN B 99 7.66 15.52 -32.13
CA GLN B 99 9.02 15.98 -31.90
C GLN B 99 9.13 16.35 -30.43
N SER B 100 9.96 15.59 -29.72
CA SER B 100 10.00 15.64 -28.26
C SER B 100 10.44 16.99 -27.70
N LYS B 101 11.32 17.68 -28.43
CA LYS B 101 11.93 18.90 -27.91
C LYS B 101 11.20 20.18 -28.34
N THR B 102 10.77 20.26 -29.60
CA THR B 102 10.13 21.49 -30.07
C THR B 102 8.62 21.45 -29.84
N GLY B 103 8.08 20.25 -29.65
CA GLY B 103 6.67 20.09 -29.34
C GLY B 103 5.77 20.09 -30.56
N GLN B 104 6.37 19.89 -31.73
CA GLN B 104 5.60 19.85 -32.97
C GLN B 104 5.02 18.47 -33.21
N ILE B 105 3.71 18.41 -33.42
CA ILE B 105 3.07 17.16 -33.77
C ILE B 105 2.39 17.31 -35.12
N GLN B 106 2.22 16.21 -35.82
CA GLN B 106 1.54 16.21 -37.10
C GLN B 106 0.73 14.93 -37.24
N TYR B 107 -0.52 15.07 -37.68
CA TYR B 107 -1.35 13.90 -37.93
C TYR B 107 -1.55 13.76 -39.43
N ARG B 108 -1.26 12.57 -39.96
CA ARG B 108 -1.37 12.31 -41.38
C ARG B 108 -2.32 11.15 -41.65
N PRO B 109 -3.56 11.47 -42.02
CA PRO B 109 -4.52 10.44 -42.43
C PRO B 109 -4.00 9.64 -43.62
N HIS B 110 -4.24 8.33 -43.62
CA HIS B 110 -3.77 7.48 -44.71
C HIS B 110 -4.48 7.83 -46.01
N ASP B 111 -5.79 8.04 -45.90
CA ASP B 111 -6.63 8.38 -47.05
C ASP B 111 -6.63 9.87 -47.34
N SER B 112 -6.99 10.22 -48.57
CA SER B 112 -6.99 11.61 -49.03
C SER B 112 -8.21 12.42 -48.58
N ILE B 113 -9.18 11.76 -47.97
CA ILE B 113 -10.41 12.44 -47.54
C ILE B 113 -10.14 13.63 -46.63
N HIS B 114 -9.40 13.41 -45.56
CA HIS B 114 -9.01 14.49 -44.66
C HIS B 114 -7.56 14.92 -44.86
N SER B 115 -7.30 16.19 -44.60
CA SER B 115 -5.97 16.76 -44.80
C SER B 115 -5.09 16.51 -43.59
N ASN B 116 -3.79 16.54 -43.79
CA ASN B 116 -2.85 16.51 -42.68
C ASN B 116 -3.03 17.78 -41.85
N TRP B 117 -2.70 17.70 -40.57
CA TRP B 117 -2.63 18.92 -39.78
C TRP B 117 -1.46 18.88 -38.82
N THR B 118 -0.97 20.07 -38.48
CA THR B 118 0.21 20.23 -37.65
C THR B 118 -0.16 21.12 -36.46
N LYS B 119 0.50 20.90 -35.34
CA LYS B 119 0.25 21.70 -34.15
C LYS B 119 1.55 21.85 -33.39
N ILE B 120 1.66 22.90 -32.58
CA ILE B 120 2.81 23.03 -31.70
C ILE B 120 2.34 23.01 -30.25
N ILE B 121 2.76 21.96 -29.55
CA ILE B 121 2.42 21.78 -28.15
C ILE B 121 3.26 22.72 -27.29
N PRO B 122 2.59 23.53 -26.45
CA PRO B 122 3.33 24.40 -25.52
C PRO B 122 4.22 23.60 -24.60
N LEU B 123 5.47 24.02 -24.45
CA LEU B 123 6.40 23.33 -23.57
C LEU B 123 7.18 24.32 -22.71
N GLN B 124 7.12 24.11 -21.41
CA GLN B 124 7.89 24.90 -20.46
C GLN B 124 9.36 24.58 -20.60
N ALA B 125 10.19 25.28 -19.83
CA ALA B 125 11.63 25.03 -19.84
C ALA B 125 11.91 23.62 -19.33
N GLY B 126 12.54 22.81 -20.16
CA GLY B 126 12.90 21.45 -19.77
C GLY B 126 11.79 20.43 -19.97
N GLU B 127 10.60 20.89 -20.31
CA GLU B 127 9.47 20.00 -20.56
C GLU B 127 9.56 19.39 -21.96
N ARG B 128 9.50 18.07 -22.03
CA ARG B 128 9.54 17.37 -23.31
C ARG B 128 8.27 16.55 -23.51
N ILE B 129 7.88 16.33 -24.76
CA ILE B 129 6.84 15.36 -25.04
C ILE B 129 7.45 13.98 -24.91
N THR B 130 6.80 13.11 -24.14
CA THR B 130 7.36 11.80 -23.83
C THR B 130 6.68 10.69 -24.61
N SER B 131 5.45 10.93 -25.04
CA SER B 131 4.68 9.91 -25.74
C SER B 131 3.46 10.51 -26.43
N VAL B 132 3.17 10.00 -27.62
CA VAL B 132 1.97 10.41 -28.34
C VAL B 132 1.17 9.16 -28.71
N ALA B 133 -0.13 9.35 -28.94
CA ALA B 133 -0.98 8.24 -29.37
C ALA B 133 -2.15 8.77 -30.18
N ALA B 134 -2.68 7.93 -31.05
CA ALA B 134 -3.81 8.33 -31.88
C ALA B 134 -4.71 7.16 -32.23
N THR B 135 -6.02 7.42 -32.22
CA THR B 135 -7.00 6.49 -32.73
C THR B 135 -7.65 7.20 -33.90
N PRO B 136 -8.54 6.50 -34.64
CA PRO B 136 -9.29 7.21 -35.68
C PRO B 136 -10.09 8.41 -35.17
N VAL B 137 -10.36 8.48 -33.87
CA VAL B 137 -11.22 9.53 -33.33
C VAL B 137 -10.59 10.37 -32.22
N ARG B 138 -9.39 10.01 -31.78
CA ARG B 138 -8.72 10.75 -30.70
C ARG B 138 -7.22 10.86 -30.94
N VAL B 139 -6.67 12.01 -30.58
CA VAL B 139 -5.22 12.22 -30.57
C VAL B 139 -4.78 12.66 -29.17
N ILE B 140 -3.79 11.97 -28.61
CA ILE B 140 -3.34 12.25 -27.24
C ILE B 140 -1.84 12.56 -27.19
N VAL B 141 -1.48 13.55 -26.38
CA VAL B 141 -0.07 13.91 -26.21
C VAL B 141 0.27 14.02 -24.71
N GLY B 142 1.33 13.33 -24.30
CA GLY B 142 1.78 13.35 -22.92
C GLY B 142 3.17 13.94 -22.77
N THR B 143 3.39 14.67 -21.69
CA THR B 143 4.66 15.35 -21.46
C THR B 143 5.35 14.88 -20.19
N SER B 144 6.59 15.32 -20.01
CA SER B 144 7.41 14.92 -18.87
C SER B 144 6.98 15.61 -17.58
N LEU B 145 6.22 16.68 -17.70
CA LEU B 145 5.66 17.35 -16.53
C LEU B 145 4.29 16.78 -16.17
N GLY B 146 3.81 15.85 -16.99
CA GLY B 146 2.54 15.20 -16.73
C GLY B 146 1.34 15.90 -17.32
N TYR B 147 1.58 16.75 -18.31
CA TYR B 147 0.48 17.40 -19.01
C TYR B 147 -0.13 16.43 -20.01
N PHE B 148 -1.45 16.31 -19.94
CA PHE B 148 -2.19 15.35 -20.75
C PHE B 148 -3.09 16.11 -21.73
N ARG B 149 -2.67 16.17 -22.99
CA ARG B 149 -3.40 16.97 -23.98
C ARG B 149 -4.03 16.08 -25.03
N SER B 150 -5.35 16.24 -25.21
CA SER B 150 -6.09 15.42 -26.16
C SER B 150 -6.85 16.26 -27.18
N PHE B 151 -7.06 15.69 -28.36
CA PHE B 151 -7.74 16.38 -29.44
C PHE B 151 -8.65 15.39 -30.16
N ASN B 152 -9.51 15.87 -31.04
CA ASN B 152 -10.24 14.96 -31.92
C ASN B 152 -9.44 14.74 -33.21
N GLN B 153 -9.99 13.99 -34.15
CA GLN B 153 -9.27 13.61 -35.35
C GLN B 153 -8.91 14.80 -36.25
N PHE B 154 -9.52 15.96 -35.98
CA PHE B 154 -9.26 17.16 -36.77
C PHE B 154 -8.42 18.19 -36.04
N GLY B 155 -8.05 17.88 -34.79
CA GLY B 155 -7.18 18.76 -34.04
C GLY B 155 -7.90 19.72 -33.12
N VAL B 156 -9.20 19.50 -32.90
CA VAL B 156 -9.94 20.32 -31.94
C VAL B 156 -9.60 19.86 -30.53
N PRO B 157 -8.99 20.76 -29.75
CA PRO B 157 -8.48 20.46 -28.41
C PRO B 157 -9.55 20.22 -27.36
N PHE B 158 -9.27 19.30 -26.45
CA PHE B 158 -10.14 19.03 -25.31
C PHE B 158 -9.56 19.80 -24.13
N ALA B 159 -10.20 19.68 -22.97
CA ALA B 159 -9.64 20.28 -21.76
C ALA B 159 -8.25 19.70 -21.52
N VAL B 160 -7.36 20.53 -20.99
CA VAL B 160 -6.02 20.10 -20.65
C VAL B 160 -5.96 19.60 -19.22
N GLU B 161 -5.38 18.43 -19.02
CA GLU B 161 -5.31 17.84 -17.69
C GLU B 161 -3.87 17.74 -17.18
N LYS B 162 -3.72 17.83 -15.87
CA LYS B 162 -2.44 17.67 -15.22
C LYS B 162 -2.41 16.35 -14.45
N THR B 163 -1.46 15.49 -14.81
CA THR B 163 -1.30 14.20 -14.13
C THR B 163 0.14 14.00 -13.71
N SER B 164 0.46 12.79 -13.27
CA SER B 164 1.85 12.43 -13.02
C SER B 164 2.59 12.42 -14.35
N PRO B 165 3.92 12.65 -14.30
CA PRO B 165 4.73 12.58 -15.52
C PRO B 165 4.44 11.32 -16.32
N ILE B 166 4.19 11.50 -17.61
CA ILE B 166 3.81 10.41 -18.49
C ILE B 166 5.04 9.84 -19.17
N VAL B 167 5.14 8.52 -19.21
CA VAL B 167 6.28 7.87 -19.87
C VAL B 167 5.84 7.10 -21.11
N ALA B 168 4.57 6.69 -21.15
CA ALA B 168 4.06 5.90 -22.27
C ALA B 168 2.54 6.00 -22.42
N LEU B 169 2.09 6.04 -23.66
CA LEU B 169 0.66 6.15 -23.97
C LEU B 169 0.29 5.15 -25.05
N THR B 170 -0.92 4.63 -24.94
CA THR B 170 -1.52 3.92 -26.05
C THR B 170 -3.01 4.17 -25.99
N ALA B 171 -3.70 3.90 -27.09
CA ALA B 171 -5.12 4.19 -27.13
C ALA B 171 -5.84 3.28 -28.12
N GLN B 172 -7.14 3.19 -27.95
CA GLN B 172 -7.99 2.38 -28.80
C GLN B 172 -9.39 2.97 -28.76
N ASN B 173 -9.89 3.37 -29.91
CA ASN B 173 -11.17 4.09 -30.02
C ASN B 173 -11.19 5.35 -29.15
N TYR B 174 -11.94 5.30 -28.06
CA TYR B 174 -12.06 6.47 -27.18
C TYR B 174 -11.35 6.27 -25.86
N ARG B 175 -10.66 5.13 -25.73
CA ARG B 175 -10.06 4.77 -24.45
C ARG B 175 -8.54 4.91 -24.49
N VAL B 176 -7.98 5.39 -23.39
CA VAL B 176 -6.55 5.65 -23.28
C VAL B 176 -5.93 4.90 -22.10
N PHE B 177 -4.80 4.25 -22.36
CA PHE B 177 -4.02 3.58 -21.33
C PHE B 177 -2.69 4.31 -21.16
N SER B 178 -2.48 4.90 -19.99
CA SER B 178 -1.30 5.72 -19.76
C SER B 178 -0.43 5.21 -18.63
N VAL B 179 0.88 5.27 -18.83
CA VAL B 179 1.85 4.87 -17.80
C VAL B 179 2.57 6.09 -17.24
N HIS B 180 2.64 6.19 -15.91
CA HIS B 180 3.28 7.32 -15.27
C HIS B 180 4.45 6.89 -14.38
N TYR B 181 5.37 7.81 -14.13
CA TYR B 181 6.53 7.52 -13.27
C TYR B 181 6.97 8.72 -12.46
N SER B 182 7.21 8.49 -11.18
CA SER B 182 7.79 9.48 -10.29
C SER B 182 9.00 8.87 -9.57
N GLN B 183 9.65 9.65 -8.72
CA GLN B 183 10.67 9.09 -7.84
C GLN B 183 10.00 8.69 -6.53
N PHE B 184 8.71 8.98 -6.44
CA PHE B 184 7.94 8.78 -5.22
C PHE B 184 7.13 7.49 -5.26
N HIS B 185 6.30 7.35 -6.28
CA HIS B 185 5.41 6.19 -6.38
C HIS B 185 6.03 5.04 -7.16
N GLY B 186 6.90 5.37 -8.09
CA GLY B 186 7.43 4.41 -9.05
C GLY B 186 6.58 4.40 -10.31
N LEU B 187 6.28 3.22 -10.82
CA LEU B 187 5.43 3.12 -12.01
C LEU B 187 3.96 3.00 -11.63
N SER B 188 3.12 3.79 -12.29
CA SER B 188 1.69 3.66 -12.14
C SER B 188 1.04 3.67 -13.51
N TYR B 189 -0.26 3.40 -13.56
CA TYR B 189 -0.98 3.49 -14.82
C TYR B 189 -2.34 4.09 -14.61
N SER B 190 -2.88 4.69 -15.65
CA SER B 190 -4.26 5.15 -15.63
C SER B 190 -5.01 4.58 -16.82
N LEU B 191 -6.29 4.36 -16.63
CA LEU B 191 -7.14 3.85 -17.69
C LEU B 191 -8.37 4.76 -17.79
N SER B 192 -8.55 5.37 -18.96
CA SER B 192 -9.60 6.38 -19.10
C SER B 192 -10.36 6.33 -20.42
N GLU B 193 -11.47 7.07 -20.46
CA GLU B 193 -12.24 7.25 -21.68
C GLU B 193 -12.38 8.74 -21.98
N LEU B 194 -12.07 9.11 -23.22
CA LEU B 194 -12.16 10.51 -23.64
C LEU B 194 -13.51 10.77 -24.30
N GLY B 195 -14.52 11.08 -23.48
CA GLY B 195 -15.86 11.31 -23.95
C GLY B 195 -16.02 12.60 -24.75
N THR B 196 -17.25 12.90 -25.14
CA THR B 196 -17.54 14.10 -25.91
C THR B 196 -17.16 15.38 -25.20
N SER B 197 -17.36 15.40 -23.89
CA SER B 197 -17.18 16.60 -23.10
C SER B 197 -15.92 16.54 -22.24
N SER B 198 -15.76 15.45 -21.51
CA SER B 198 -14.67 15.34 -20.55
C SER B 198 -14.01 13.97 -20.52
N LYS B 199 -12.96 13.87 -19.71
CA LYS B 199 -12.24 12.62 -19.48
C LYS B 199 -12.74 11.92 -18.22
N ARG B 200 -12.98 10.61 -18.34
CA ARG B 200 -13.49 9.82 -17.23
C ARG B 200 -12.54 8.65 -16.96
N TYR B 201 -12.26 8.39 -15.67
CA TYR B 201 -11.31 7.34 -15.30
C TYR B 201 -11.95 6.01 -14.90
N TYR B 202 -11.51 4.93 -15.54
CA TYR B 202 -11.82 3.59 -15.05
C TYR B 202 -10.88 3.26 -13.90
N LYS B 203 -9.62 3.64 -14.07
CA LYS B 203 -8.57 3.43 -13.07
C LYS B 203 -7.65 4.64 -13.04
N ARG B 204 -7.38 5.17 -11.86
CA ARG B 204 -6.55 6.37 -11.78
C ARG B 204 -5.27 6.15 -10.97
N GLU B 205 -4.16 6.06 -11.68
CA GLU B 205 -2.83 5.89 -11.10
C GLU B 205 -2.74 4.75 -10.09
N CYS B 206 -3.12 3.56 -10.54
CA CYS B 206 -2.94 2.33 -9.77
C CYS B 206 -1.53 1.79 -9.98
N PRO B 207 -1.05 0.93 -9.07
CA PRO B 207 0.30 0.35 -9.21
C PRO B 207 0.46 -0.45 -10.50
N LEU B 208 1.57 -0.22 -11.21
CA LEU B 208 1.89 -0.99 -12.41
C LEU B 208 3.05 -1.95 -12.14
N PRO B 209 2.73 -3.22 -11.87
CA PRO B 209 3.69 -4.24 -11.43
C PRO B 209 4.55 -4.79 -12.55
N MET B 210 4.96 -3.94 -13.48
CA MET B 210 5.89 -4.38 -14.51
C MET B 210 7.31 -4.36 -13.94
N SER B 211 8.02 -5.45 -14.15
CA SER B 211 9.41 -5.54 -13.70
C SER B 211 10.28 -4.56 -14.48
N LEU B 212 11.10 -3.80 -13.76
CA LEU B 212 12.03 -2.86 -14.39
C LEU B 212 13.29 -3.60 -14.82
N PRO B 213 14.05 -3.01 -15.77
CA PRO B 213 15.30 -3.66 -16.19
C PRO B 213 16.36 -3.63 -15.10
N ASN B 214 16.99 -4.77 -14.85
CA ASN B 214 18.10 -4.83 -13.89
C ASN B 214 19.45 -4.81 -14.62
N ILE B 215 19.95 -3.59 -14.84
CA ILE B 215 21.19 -3.39 -15.59
C ILE B 215 22.43 -3.62 -14.72
N ASN B 216 23.31 -4.50 -15.18
CA ASN B 216 24.50 -4.90 -14.44
C ASN B 216 25.71 -3.99 -14.71
N SER B 217 26.88 -4.43 -14.28
CA SER B 217 28.11 -3.68 -14.50
C SER B 217 28.80 -4.13 -15.78
N ASP B 218 28.48 -5.33 -16.23
CA ASP B 218 29.03 -5.87 -17.48
C ASP B 218 28.17 -5.45 -18.67
N MET B 219 27.24 -4.52 -18.41
CA MET B 219 26.33 -4.05 -19.44
C MET B 219 26.90 -2.83 -20.18
N LYS B 220 27.92 -2.21 -19.62
CA LYS B 220 28.51 -1.02 -20.22
C LYS B 220 29.28 -1.35 -21.50
N LYS B 221 29.55 -2.63 -21.71
CA LYS B 221 30.16 -3.10 -22.94
C LYS B 221 29.26 -4.13 -23.63
N ASP B 222 28.04 -4.26 -23.12
CA ASP B 222 27.03 -5.13 -23.72
C ASP B 222 26.52 -4.57 -25.04
N ALA B 223 26.13 -5.46 -25.94
CA ALA B 223 25.68 -5.05 -27.27
C ALA B 223 24.29 -4.41 -27.22
N ASN B 224 23.51 -4.75 -26.20
CA ASN B 224 22.14 -4.25 -26.10
C ASN B 224 21.95 -3.07 -25.15
N LEU B 225 23.06 -2.54 -24.62
CA LEU B 225 22.99 -1.43 -23.69
C LEU B 225 22.28 -0.22 -24.28
N ASP B 226 22.44 -0.06 -25.59
CA ASP B 226 21.87 1.07 -26.32
C ASP B 226 20.36 1.16 -26.17
N TYR B 227 19.70 0.01 -26.04
CA TYR B 227 18.24 -0.01 -25.93
C TYR B 227 17.77 0.60 -24.62
N TYR B 228 18.46 0.30 -23.53
CA TYR B 228 18.01 0.76 -22.23
C TYR B 228 18.41 2.23 -21.99
N ASN B 229 19.30 2.76 -22.81
CA ASN B 229 19.57 4.20 -22.81
C ASN B 229 18.47 4.91 -23.57
N PHE B 230 17.89 4.17 -24.52
CA PHE B 230 16.84 4.66 -25.40
C PHE B 230 15.47 4.47 -24.75
N ASN B 231 15.36 3.41 -23.96
CA ASN B 231 14.13 3.06 -23.28
C ASN B 231 14.46 2.53 -21.87
N PRO B 232 14.68 3.45 -20.91
CA PRO B 232 15.11 3.11 -19.55
C PRO B 232 14.14 2.18 -18.81
N MET B 233 12.83 2.37 -19.02
CA MET B 233 11.83 1.55 -18.34
C MET B 233 11.77 0.15 -18.93
N GLY B 234 12.31 -0.03 -20.13
CA GLY B 234 12.33 -1.32 -20.78
C GLY B 234 10.98 -1.74 -21.36
N ILE B 235 10.08 -0.80 -21.54
CA ILE B 235 8.76 -1.09 -22.09
C ILE B 235 8.88 -1.29 -23.60
N LYS B 236 8.98 -2.54 -24.02
CA LYS B 236 9.17 -2.84 -25.44
C LYS B 236 7.94 -2.40 -26.23
N SER B 237 6.76 -2.72 -25.71
CA SER B 237 5.53 -2.15 -26.26
C SER B 237 4.39 -2.24 -25.26
N LEU B 238 3.30 -1.54 -25.57
CA LEU B 238 2.08 -1.62 -24.79
C LEU B 238 0.91 -1.36 -25.71
N PHE B 239 -0.24 -1.96 -25.42
CA PHE B 239 -1.41 -1.85 -26.28
C PHE B 239 -2.68 -2.42 -25.67
N PHE B 240 -3.82 -2.03 -26.23
CA PHE B 240 -5.07 -2.71 -25.96
C PHE B 240 -5.11 -4.00 -26.77
N SER B 241 -5.70 -5.04 -26.20
CA SER B 241 -5.93 -6.27 -26.96
C SER B 241 -7.01 -6.00 -27.99
N SER B 242 -7.19 -6.92 -28.93
CA SER B 242 -8.23 -6.77 -29.94
C SER B 242 -9.61 -6.68 -29.29
N TYR B 243 -9.74 -7.28 -28.10
CA TYR B 243 -10.99 -7.22 -27.34
C TYR B 243 -11.03 -6.08 -26.30
N GLY B 244 -10.01 -5.23 -26.30
CA GLY B 244 -10.03 -4.01 -25.50
C GLY B 244 -9.43 -4.04 -24.11
N ASP B 245 -8.63 -5.07 -23.82
CA ASP B 245 -7.95 -5.15 -22.52
C ASP B 245 -6.51 -4.68 -22.62
N PRO B 246 -6.10 -3.80 -21.70
CA PRO B 246 -4.74 -3.24 -21.69
C PRO B 246 -3.65 -4.31 -21.52
N CYS B 247 -2.60 -4.21 -22.32
CA CYS B 247 -1.47 -5.12 -22.23
C CYS B 247 -0.17 -4.34 -22.20
N ILE B 248 0.86 -4.94 -21.60
CA ILE B 248 2.17 -4.33 -21.58
C ILE B 248 3.24 -5.43 -21.64
N PHE B 249 4.38 -5.09 -22.25
CA PHE B 249 5.42 -6.07 -22.54
C PHE B 249 6.78 -5.50 -22.17
N GLY B 250 7.29 -5.88 -21.02
CA GLY B 250 8.52 -5.30 -20.50
C GLY B 250 9.78 -6.09 -20.82
N SER B 251 10.88 -5.72 -20.19
CA SER B 251 12.18 -6.31 -20.50
C SER B 251 12.29 -7.77 -20.05
N ASP B 252 11.38 -8.19 -19.16
CA ASP B 252 11.34 -9.58 -18.73
C ASP B 252 10.64 -10.45 -19.78
N ASN B 253 10.19 -9.79 -20.85
CA ASN B 253 9.59 -10.47 -22.00
C ASN B 253 8.35 -11.27 -21.64
N THR B 254 7.62 -10.79 -20.65
CA THR B 254 6.36 -11.39 -20.26
C THR B 254 5.20 -10.48 -20.62
N LEU B 255 4.18 -11.02 -21.28
CA LEU B 255 3.01 -10.24 -21.63
C LEU B 255 2.06 -10.14 -20.42
N LEU B 256 1.87 -8.93 -19.93
CA LEU B 256 0.96 -8.68 -18.81
C LEU B 256 -0.37 -8.13 -19.30
N LEU B 257 -1.46 -8.76 -18.89
CA LEU B 257 -2.79 -8.28 -19.25
C LEU B 257 -3.55 -7.82 -18.02
N LEU B 258 -4.20 -6.66 -18.13
CA LEU B 258 -4.98 -6.14 -17.02
C LEU B 258 -6.40 -6.70 -17.03
N SER B 259 -6.74 -7.42 -15.97
CA SER B 259 -8.06 -8.05 -15.87
C SER B 259 -8.95 -7.29 -14.90
N LYS B 260 -10.26 -7.30 -15.18
CA LYS B 260 -11.27 -6.74 -14.29
C LYS B 260 -11.08 -5.25 -14.07
N TRP B 261 -10.64 -4.54 -15.11
CA TRP B 261 -10.37 -3.12 -14.99
C TRP B 261 -11.64 -2.29 -14.84
N ARG B 262 -12.80 -2.90 -15.08
CA ARG B 262 -14.06 -2.21 -14.93
C ARG B 262 -14.49 -2.22 -13.47
N SER B 263 -13.85 -3.08 -12.67
CA SER B 263 -14.08 -3.17 -11.24
C SER B 263 -12.81 -2.81 -10.48
N PRO B 264 -12.72 -1.56 -10.00
CA PRO B 264 -11.52 -1.03 -9.32
C PRO B 264 -10.97 -1.96 -8.25
N GLU B 265 -11.85 -2.55 -7.45
CA GLU B 265 -11.40 -3.40 -6.33
C GLU B 265 -10.99 -4.79 -6.78
N GLU B 266 -11.27 -5.13 -8.04
CA GLU B 266 -11.00 -6.48 -8.54
C GLU B 266 -9.92 -6.51 -9.60
N SER B 267 -9.39 -5.34 -9.96
CA SER B 267 -8.45 -5.25 -11.06
C SER B 267 -7.13 -5.95 -10.74
N LYS B 268 -6.68 -6.78 -11.67
CA LYS B 268 -5.47 -7.57 -11.49
C LYS B 268 -4.64 -7.60 -12.77
N TRP B 269 -3.32 -7.58 -12.63
CA TRP B 269 -2.46 -7.81 -13.77
C TRP B 269 -2.14 -9.30 -13.86
N LEU B 270 -2.40 -9.87 -15.03
CA LEU B 270 -2.17 -11.29 -15.25
C LEU B 270 -1.05 -11.54 -16.25
N PRO B 271 -0.02 -12.29 -15.83
CA PRO B 271 0.99 -12.74 -16.79
C PRO B 271 0.43 -13.88 -17.62
N ILE B 272 0.29 -13.67 -18.93
CA ILE B 272 -0.36 -14.65 -19.79
C ILE B 272 0.57 -15.17 -20.89
N LEU B 273 1.84 -14.77 -20.86
CA LEU B 273 2.81 -15.29 -21.81
C LEU B 273 4.24 -14.98 -21.39
N ASP B 274 4.99 -16.04 -21.08
CA ASP B 274 6.44 -15.95 -20.91
C ASP B 274 7.11 -16.33 -22.22
N SER B 275 7.46 -15.33 -23.02
CA SER B 275 8.01 -15.56 -24.35
C SER B 275 9.38 -16.22 -24.30
N ASN B 276 10.11 -16.00 -23.22
CA ASN B 276 11.39 -16.70 -23.02
C ASN B 276 11.17 -18.20 -22.93
N MET B 277 10.12 -18.59 -22.23
CA MET B 277 9.79 -19.99 -22.05
C MET B 277 9.31 -20.63 -23.36
N GLU B 278 8.58 -19.86 -24.15
CA GLU B 278 8.08 -20.34 -25.44
C GLU B 278 9.21 -20.57 -26.43
N ILE B 279 10.16 -19.65 -26.45
CA ILE B 279 11.34 -19.78 -27.30
C ILE B 279 12.15 -21.00 -26.88
N TRP B 280 12.27 -21.21 -25.58
CA TRP B 280 12.94 -22.38 -25.03
C TRP B 280 12.26 -23.66 -25.49
N LYS B 281 10.93 -23.64 -25.52
CA LYS B 281 10.15 -24.79 -25.97
C LYS B 281 10.28 -24.97 -27.49
N MET B 282 10.31 -23.85 -28.21
CA MET B 282 10.47 -23.89 -29.66
C MET B 282 11.83 -24.45 -30.06
N SER B 283 12.84 -24.18 -29.24
CA SER B 283 14.20 -24.62 -29.52
C SER B 283 14.46 -26.04 -29.01
N GLY B 284 13.37 -26.76 -28.72
CA GLY B 284 13.47 -28.13 -28.23
C GLY B 284 14.16 -28.23 -26.88
N GLY B 285 13.78 -27.37 -25.96
CA GLY B 285 14.32 -27.42 -24.60
C GLY B 285 15.76 -26.97 -24.51
N LYS B 286 16.20 -26.16 -25.47
CA LYS B 286 17.59 -25.69 -25.49
C LYS B 286 17.65 -24.19 -25.20
N GLU B 287 18.58 -23.80 -24.34
CA GLU B 287 18.81 -22.39 -24.06
C GLU B 287 19.48 -21.70 -25.24
N THR B 288 18.87 -20.64 -25.74
CA THR B 288 19.44 -19.86 -26.83
C THR B 288 19.84 -18.47 -26.36
N THR B 289 20.49 -17.72 -27.24
CA THR B 289 20.90 -16.34 -26.93
C THR B 289 20.62 -15.42 -28.11
N ASP B 290 20.20 -15.98 -29.24
CA ASP B 290 20.08 -15.22 -30.47
C ASP B 290 18.64 -15.07 -30.96
N ILE B 291 17.68 -15.56 -30.19
CA ILE B 291 16.27 -15.42 -30.57
C ILE B 291 15.50 -14.55 -29.58
N HIS B 292 14.84 -13.53 -30.10
CA HIS B 292 14.10 -12.59 -29.27
C HIS B 292 12.74 -12.26 -29.85
N VAL B 293 11.83 -11.84 -28.99
CA VAL B 293 10.46 -11.50 -29.40
C VAL B 293 10.25 -9.99 -29.36
N TRP B 294 9.67 -9.45 -30.43
CA TRP B 294 9.28 -8.04 -30.45
C TRP B 294 7.76 -7.94 -30.61
N PRO B 295 7.06 -7.47 -29.56
CA PRO B 295 5.59 -7.52 -29.49
C PRO B 295 4.90 -6.46 -30.36
N LEU B 296 3.90 -6.89 -31.12
CA LEU B 296 3.16 -5.99 -31.99
C LEU B 296 1.75 -5.74 -31.45
N ALA B 297 1.05 -6.82 -31.14
CA ALA B 297 -0.34 -6.74 -30.73
C ALA B 297 -0.81 -8.05 -30.12
N LEU B 298 -1.96 -8.01 -29.44
CA LEU B 298 -2.59 -9.22 -28.94
C LEU B 298 -3.94 -9.42 -29.61
N ALA B 299 -4.08 -10.53 -30.32
CA ALA B 299 -5.33 -10.85 -30.99
C ALA B 299 -5.99 -12.04 -30.32
N TYR B 300 -6.97 -11.75 -29.46
CA TYR B 300 -7.69 -12.76 -28.71
C TYR B 300 -6.73 -13.58 -27.84
N ASP B 301 -6.14 -14.63 -28.42
CA ASP B 301 -5.30 -15.54 -27.66
C ASP B 301 -3.91 -15.66 -28.29
N THR B 302 -3.61 -14.76 -29.23
CA THR B 302 -2.41 -14.87 -30.03
C THR B 302 -1.60 -13.58 -30.03
N LEU B 303 -0.33 -13.69 -29.66
CA LEU B 303 0.58 -12.54 -29.72
C LEU B 303 1.18 -12.37 -31.11
N ASN B 304 0.82 -11.27 -31.77
N ASN B 304 0.80 -11.27 -31.76
CA ASN B 304 1.46 -10.91 -33.02
CA ASN B 304 1.46 -10.87 -33.00
C ASN B 304 2.82 -10.29 -32.73
C ASN B 304 2.83 -10.31 -32.68
N CYS B 305 3.86 -10.81 -33.35
CA CYS B 305 5.22 -10.35 -33.05
C CYS B 305 6.24 -10.49 -34.19
N ILE B 306 7.43 -9.97 -33.93
CA ILE B 306 8.58 -10.18 -34.80
C ILE B 306 9.57 -11.08 -34.08
N LEU B 307 10.01 -12.14 -34.76
CA LEU B 307 11.06 -12.98 -34.19
C LEU B 307 12.42 -12.47 -34.65
N VAL B 308 13.13 -11.84 -33.72
CA VAL B 308 14.41 -11.21 -34.05
C VAL B 308 15.57 -12.18 -33.86
N LYS B 309 16.19 -12.56 -34.96
CA LYS B 309 17.35 -13.43 -34.94
C LYS B 309 18.62 -12.60 -35.14
N GLY B 310 19.47 -12.56 -34.12
CA GLY B 310 20.68 -11.75 -34.15
C GLY B 310 21.20 -11.44 -32.77
N LYS B 311 22.22 -10.58 -32.70
CA LYS B 311 22.83 -10.22 -31.43
C LYS B 311 21.93 -9.28 -30.65
N HIS B 312 21.36 -8.29 -31.34
CA HIS B 312 20.48 -7.32 -30.70
C HIS B 312 19.09 -7.87 -30.46
N ILE B 313 18.38 -7.29 -29.49
CA ILE B 313 17.06 -7.78 -29.11
C ILE B 313 15.94 -7.06 -29.86
N TRP B 314 16.30 -6.04 -30.63
CA TRP B 314 15.31 -5.31 -31.42
C TRP B 314 15.48 -5.60 -32.89
N PRO B 315 14.37 -5.56 -33.66
CA PRO B 315 14.49 -5.85 -35.09
C PRO B 315 15.23 -4.76 -35.85
N GLU B 316 15.86 -5.15 -36.95
CA GLU B 316 16.54 -4.19 -37.81
C GLU B 316 16.07 -4.34 -39.25
N PHE B 317 16.87 -3.88 -40.18
CA PHE B 317 16.48 -3.85 -41.58
C PHE B 317 17.26 -4.88 -42.39
N PRO B 318 16.56 -5.65 -43.23
CA PRO B 318 15.11 -5.58 -43.47
C PRO B 318 14.28 -6.27 -42.39
N LEU B 319 13.03 -5.85 -42.26
CA LEU B 319 12.12 -6.40 -41.25
C LEU B 319 11.57 -7.76 -41.67
N PRO B 320 11.69 -8.76 -40.77
CA PRO B 320 11.12 -10.09 -41.01
C PRO B 320 9.60 -10.05 -41.15
N LEU B 321 9.01 -11.14 -41.64
CA LEU B 321 7.56 -11.27 -41.67
C LEU B 321 7.06 -11.50 -40.24
N PRO B 322 5.89 -10.93 -39.90
CA PRO B 322 5.33 -11.13 -38.56
C PRO B 322 5.07 -12.59 -38.24
N SER B 323 5.30 -12.98 -36.99
CA SER B 323 5.00 -14.34 -36.55
C SER B 323 3.82 -14.32 -35.58
N GLU B 324 3.40 -15.51 -35.16
CA GLU B 324 2.33 -15.62 -34.18
C GLU B 324 2.74 -16.53 -33.03
N MET B 325 2.48 -16.07 -31.81
CA MET B 325 2.80 -16.84 -30.62
C MET B 325 1.58 -16.95 -29.73
N GLU B 326 1.00 -18.15 -29.65
CA GLU B 326 -0.18 -18.38 -28.80
C GLU B 326 0.18 -18.15 -27.34
N ILE B 327 -0.69 -17.45 -26.62
CA ILE B 327 -0.44 -17.19 -25.21
C ILE B 327 -0.52 -18.48 -24.40
N ARG B 328 0.29 -18.54 -23.35
CA ARG B 328 0.34 -19.71 -22.48
C ARG B 328 0.49 -19.27 -21.04
N MET B 329 -0.32 -19.83 -20.16
CA MET B 329 -0.19 -19.55 -18.74
C MET B 329 1.17 -20.03 -18.26
N PRO B 330 1.86 -19.19 -17.47
CA PRO B 330 3.21 -19.54 -17.02
C PRO B 330 3.18 -20.56 -15.89
N VAL B 331 2.84 -21.80 -16.22
CA VAL B 331 2.75 -22.87 -15.23
C VAL B 331 3.62 -24.06 -15.60
N PHE B 332 4.41 -23.93 -16.66
CA PHE B 332 5.29 -25.00 -17.10
C PHE B 332 6.68 -24.88 -16.50
N VAL B 333 7.22 -26.00 -16.03
CA VAL B 333 8.56 -26.05 -15.47
C VAL B 333 9.52 -26.77 -16.43
N LYS B 334 10.68 -26.17 -16.64
CA LYS B 334 11.68 -26.71 -17.56
C LYS B 334 12.08 -28.15 -17.22
N SER B 335 12.42 -28.38 -15.96
CA SER B 335 12.87 -29.70 -15.51
C SER B 335 11.82 -30.80 -15.77
N LYS B 336 10.55 -30.48 -15.56
CA LYS B 336 9.49 -31.46 -15.78
C LYS B 336 9.15 -31.63 -17.25
N LEU B 337 9.45 -30.61 -18.05
CA LEU B 337 9.20 -30.70 -19.49
C LEU B 337 10.26 -31.56 -20.18
N LEU B 338 11.47 -31.53 -19.64
CA LEU B 338 12.57 -32.33 -20.18
C LEU B 338 12.35 -33.83 -19.94
N GLU B 339 11.92 -34.16 -18.73
CA GLU B 339 11.70 -35.56 -18.35
C GLU B 339 10.65 -36.25 -19.20
N GLU B 340 9.63 -35.50 -19.62
CA GLU B 340 8.55 -36.06 -20.42
C GLU B 340 8.93 -36.09 -21.90
N ASN B 341 10.11 -35.59 -22.21
CA ASN B 341 10.64 -35.65 -23.56
C ASN B 341 11.86 -36.58 -23.65
N GLU B 365 11.08 -30.01 -31.39
CA GLU B 365 10.23 -29.18 -30.52
C GLU B 365 9.70 -29.99 -29.34
N ILE B 366 9.62 -29.33 -28.19
CA ILE B 366 9.19 -29.98 -26.95
C ILE B 366 7.73 -30.44 -26.98
N GLN B 367 7.51 -31.69 -26.60
CA GLN B 367 6.17 -32.24 -26.44
C GLN B 367 5.70 -32.10 -25.00
N ILE B 368 4.42 -31.80 -24.82
CA ILE B 368 3.86 -31.61 -23.48
C ILE B 368 2.95 -32.78 -23.11
N PRO B 369 3.19 -33.37 -21.92
CA PRO B 369 2.34 -34.44 -21.40
C PRO B 369 0.87 -34.00 -21.29
N VAL B 370 -0.02 -34.76 -21.93
CA VAL B 370 -1.45 -34.43 -22.03
C VAL B 370 -2.09 -34.02 -20.69
N SER B 371 -1.62 -34.63 -19.61
CA SER B 371 -2.16 -34.30 -18.28
C SER B 371 -1.67 -32.93 -17.80
N MET B 372 -0.39 -32.65 -18.01
CA MET B 372 0.20 -31.37 -17.63
C MET B 372 -0.31 -30.25 -18.53
N ALA B 373 -0.61 -30.61 -19.78
CA ALA B 373 -1.11 -29.67 -20.76
C ALA B 373 -2.53 -29.25 -20.40
N ALA B 374 -3.25 -30.13 -19.69
CA ALA B 374 -4.64 -29.89 -19.35
C ALA B 374 -4.77 -28.80 -18.29
N GLU B 375 -3.80 -28.73 -17.39
CA GLU B 375 -3.83 -27.72 -16.34
C GLU B 375 -3.70 -26.32 -16.94
N GLU B 376 -2.74 -26.16 -17.85
CA GLU B 376 -2.55 -24.87 -18.50
C GLU B 376 -3.74 -24.48 -19.36
N GLU B 377 -4.29 -25.45 -20.08
CA GLU B 377 -5.42 -25.17 -20.97
C GLU B 377 -6.64 -24.79 -20.15
N TYR B 378 -6.80 -25.40 -18.98
CA TYR B 378 -7.88 -25.06 -18.08
C TYR B 378 -7.73 -23.61 -17.61
N LEU B 379 -6.54 -23.29 -17.11
CA LEU B 379 -6.24 -21.94 -16.64
C LEU B 379 -6.41 -20.88 -17.72
N ARG B 380 -5.87 -21.15 -18.90
CA ARG B 380 -5.96 -20.19 -20.01
C ARG B 380 -7.40 -19.94 -20.44
N SER B 381 -8.15 -21.02 -20.58
CA SER B 381 -9.56 -20.93 -20.97
C SER B 381 -10.36 -20.19 -19.91
N LYS B 382 -10.04 -20.48 -18.65
CA LYS B 382 -10.70 -19.83 -17.53
C LYS B 382 -10.50 -18.32 -17.59
N VAL B 383 -9.26 -17.90 -17.82
CA VAL B 383 -8.92 -16.48 -17.88
C VAL B 383 -9.57 -15.80 -19.09
N LEU B 384 -9.43 -16.40 -20.27
CA LEU B 384 -9.96 -15.80 -21.49
C LEU B 384 -11.48 -15.72 -21.45
N SER B 385 -12.12 -16.74 -20.91
CA SER B 385 -13.58 -16.76 -20.78
C SER B 385 -14.07 -15.64 -19.87
N GLU B 386 -13.37 -15.47 -18.75
CA GLU B 386 -13.76 -14.49 -17.76
C GLU B 386 -13.58 -13.08 -18.32
N LEU B 387 -12.50 -12.88 -19.09
CA LEU B 387 -12.24 -11.60 -19.72
C LEU B 387 -13.29 -11.27 -20.76
N LEU B 388 -13.58 -12.25 -21.63
CA LEU B 388 -14.47 -12.06 -22.75
C LEU B 388 -15.91 -11.83 -22.29
N THR B 389 -16.30 -12.56 -21.24
CA THR B 389 -17.62 -12.41 -20.66
C THR B 389 -17.83 -10.98 -20.16
N ASP B 390 -16.81 -10.43 -19.52
CA ASP B 390 -16.87 -9.05 -19.04
C ASP B 390 -16.96 -8.06 -20.18
N THR B 391 -16.27 -8.36 -21.28
CA THR B 391 -16.32 -7.51 -22.46
C THR B 391 -17.71 -7.45 -23.06
N LEU B 392 -18.33 -8.60 -23.23
CA LEU B 392 -19.65 -8.68 -23.87
C LEU B 392 -20.76 -8.10 -22.99
N GLU B 393 -20.66 -8.30 -21.69
CA GLU B 393 -21.69 -7.81 -20.77
C GLU B 393 -21.65 -6.30 -20.57
N ASN B 394 -20.59 -5.66 -21.07
CA ASN B 394 -20.41 -4.22 -20.86
C ASN B 394 -20.34 -3.44 -22.18
N ASP B 395 -19.68 -4.03 -23.18
CA ASP B 395 -19.46 -3.35 -24.44
C ASP B 395 -20.18 -4.02 -25.60
N GLY B 396 -20.62 -5.26 -25.40
CA GLY B 396 -21.28 -6.02 -26.44
C GLY B 396 -20.27 -6.51 -27.47
N GLU B 397 -20.75 -6.91 -28.65
CA GLU B 397 -19.85 -7.42 -29.66
C GLU B 397 -19.22 -6.25 -30.41
N MET B 398 -18.10 -6.52 -31.07
CA MET B 398 -17.39 -5.51 -31.84
C MET B 398 -17.15 -6.00 -33.27
N TYR B 399 -16.85 -7.28 -33.39
CA TYR B 399 -16.52 -7.87 -34.68
C TYR B 399 -17.69 -8.72 -35.20
N GLY B 400 -18.51 -9.21 -34.28
CA GLY B 400 -19.74 -9.89 -34.64
C GLY B 400 -19.75 -11.39 -34.44
N ASN B 401 -18.63 -11.96 -33.99
CA ASN B 401 -18.53 -13.39 -33.78
C ASN B 401 -18.12 -13.79 -32.37
N GLU B 402 -18.10 -12.83 -31.45
CA GLU B 402 -17.60 -13.05 -30.09
C GLU B 402 -18.36 -14.13 -29.33
N ASN B 403 -19.69 -14.16 -29.46
CA ASN B 403 -20.50 -15.12 -28.73
C ASN B 403 -20.15 -16.56 -29.09
N GLU B 404 -19.81 -16.79 -30.35
CA GLU B 404 -19.39 -18.12 -30.78
C GLU B 404 -18.00 -18.40 -30.25
N VAL B 405 -17.17 -17.36 -30.21
CA VAL B 405 -15.82 -17.47 -29.64
C VAL B 405 -15.90 -17.83 -28.17
N LEU B 406 -16.77 -17.13 -27.45
CA LEU B 406 -17.00 -17.38 -26.04
C LEU B 406 -17.59 -18.78 -25.81
N ALA B 407 -18.49 -19.18 -26.71
CA ALA B 407 -19.13 -20.49 -26.62
C ALA B 407 -18.10 -21.60 -26.79
N ALA B 408 -17.23 -21.45 -27.79
CA ALA B 408 -16.17 -22.41 -28.02
C ALA B 408 -15.21 -22.40 -26.84
N LEU B 409 -15.03 -21.22 -26.26
CA LEU B 409 -14.13 -21.02 -25.13
C LEU B 409 -14.58 -21.84 -23.93
N ASN B 410 -15.85 -21.67 -23.56
CA ASN B 410 -16.44 -22.42 -22.46
C ASN B 410 -16.41 -23.92 -22.72
N GLY B 411 -16.54 -24.31 -23.98
CA GLY B 411 -16.41 -25.70 -24.37
C GLY B 411 -15.02 -26.24 -24.07
N ALA B 412 -14.00 -25.50 -24.51
CA ALA B 412 -12.61 -25.87 -24.26
C ALA B 412 -12.31 -25.92 -22.77
N TYR B 413 -12.96 -25.02 -22.03
CA TYR B 413 -12.80 -24.94 -20.57
C TYR B 413 -13.24 -26.23 -19.89
N ASP B 414 -14.49 -26.62 -20.09
CA ASP B 414 -15.03 -27.84 -19.47
C ASP B 414 -14.29 -29.09 -19.92
N LYS B 415 -13.89 -29.11 -21.19
CA LYS B 415 -13.18 -30.27 -21.72
C LYS B 415 -11.85 -30.49 -21.02
N ALA B 416 -11.06 -29.42 -20.89
CA ALA B 416 -9.77 -29.50 -20.22
C ALA B 416 -9.95 -29.85 -18.75
N LEU B 417 -11.03 -29.33 -18.17
CA LEU B 417 -11.38 -29.60 -16.77
C LEU B 417 -11.72 -31.07 -16.56
N LEU B 418 -12.39 -31.68 -17.53
CA LEU B 418 -12.78 -33.08 -17.43
C LEU B 418 -11.57 -34.01 -17.51
N ARG B 419 -10.55 -33.61 -18.27
CA ARG B 419 -9.32 -34.39 -18.34
C ARG B 419 -8.62 -34.39 -16.99
N LEU B 420 -8.66 -33.27 -16.28
CA LEU B 420 -8.10 -33.19 -14.94
C LEU B 420 -8.93 -34.04 -13.99
N PHE B 421 -10.23 -34.04 -14.20
CA PHE B 421 -11.17 -34.83 -13.41
C PHE B 421 -10.90 -36.32 -13.61
N ALA B 422 -10.64 -36.71 -14.86
CA ALA B 422 -10.34 -38.09 -15.18
C ALA B 422 -9.08 -38.57 -14.46
N SER B 423 -8.04 -37.76 -14.52
CA SER B 423 -6.77 -38.06 -13.86
C SER B 423 -6.94 -38.21 -12.36
N ALA B 424 -7.75 -37.32 -11.77
CA ALA B 424 -8.01 -37.35 -10.34
C ALA B 424 -8.75 -38.61 -9.93
N CYS B 425 -9.63 -39.07 -10.82
CA CYS B 425 -10.39 -40.29 -10.58
C CYS B 425 -9.51 -41.53 -10.68
N SER B 426 -8.56 -41.50 -11.60
CA SER B 426 -7.64 -42.62 -11.81
C SER B 426 -6.75 -42.85 -10.60
N ASP B 427 -6.48 -41.78 -9.84
CA ASP B 427 -5.61 -41.88 -8.68
C ASP B 427 -6.42 -42.00 -7.40
N GLN B 428 -7.71 -42.33 -7.56
CA GLN B 428 -8.62 -42.55 -6.44
C GLN B 428 -8.75 -41.32 -5.54
N ASN B 429 -8.44 -40.15 -6.09
CA ASN B 429 -8.50 -38.91 -5.32
C ASN B 429 -9.88 -38.27 -5.44
N VAL B 430 -10.83 -38.82 -4.70
CA VAL B 430 -12.23 -38.38 -4.76
C VAL B 430 -12.39 -36.91 -4.37
N GLU B 431 -11.62 -36.48 -3.37
CA GLU B 431 -11.71 -35.11 -2.88
C GLU B 431 -11.31 -34.09 -3.94
N LYS B 432 -10.17 -34.33 -4.58
CA LYS B 432 -9.68 -33.42 -5.62
C LYS B 432 -10.59 -33.44 -6.83
N ALA B 433 -11.17 -34.61 -7.12
CA ALA B 433 -12.07 -34.75 -8.25
C ALA B 433 -13.34 -33.95 -8.03
N LEU B 434 -13.85 -33.96 -6.81
CA LEU B 434 -15.07 -33.23 -6.48
C LEU B 434 -14.84 -31.73 -6.60
N SER B 435 -13.66 -31.27 -6.19
CA SER B 435 -13.31 -29.85 -6.29
C SER B 435 -13.26 -29.43 -7.75
N LEU B 436 -12.72 -30.30 -8.59
CA LEU B 436 -12.64 -30.06 -10.02
C LEU B 436 -14.03 -30.02 -10.65
N ALA B 437 -14.92 -30.89 -10.16
CA ALA B 437 -16.27 -30.97 -10.70
C ALA B 437 -17.05 -29.68 -10.43
N HIS B 438 -16.81 -29.09 -9.26
CA HIS B 438 -17.49 -27.86 -8.87
C HIS B 438 -17.18 -26.71 -9.82
N GLU B 439 -16.04 -26.78 -10.50
CA GLU B 439 -15.60 -25.72 -11.39
C GLU B 439 -16.17 -25.85 -12.80
N LEU B 440 -16.90 -26.94 -13.05
CA LEU B 440 -17.50 -27.17 -14.36
C LEU B 440 -18.62 -26.15 -14.64
N LYS B 441 -18.81 -25.80 -15.91
CA LYS B 441 -19.78 -24.79 -16.28
C LYS B 441 -21.10 -25.38 -16.75
N GLN B 442 -21.06 -26.14 -17.84
CA GLN B 442 -22.25 -26.69 -18.45
C GLN B 442 -22.80 -27.85 -17.66
N ASP B 443 -24.13 -27.93 -17.56
CA ASP B 443 -24.78 -29.06 -16.92
C ASP B 443 -24.48 -30.36 -17.66
N ARG B 444 -24.25 -30.26 -18.96
CA ARG B 444 -23.92 -31.42 -19.77
C ARG B 444 -22.51 -31.93 -19.43
N ALA B 445 -21.71 -31.05 -18.86
CA ALA B 445 -20.35 -31.42 -18.44
C ALA B 445 -20.40 -32.17 -17.11
N LEU B 446 -21.34 -31.78 -16.25
CA LEU B 446 -21.59 -32.50 -15.02
C LEU B 446 -21.98 -33.94 -15.32
N THR B 447 -22.77 -34.11 -16.37
CA THR B 447 -23.18 -35.44 -16.83
C THR B 447 -21.97 -36.28 -17.19
N ALA B 448 -21.07 -35.70 -17.98
CA ALA B 448 -19.86 -36.38 -18.42
C ALA B 448 -19.00 -36.81 -17.22
N ALA B 449 -18.98 -35.99 -16.18
CA ALA B 449 -18.22 -36.31 -14.98
C ALA B 449 -18.82 -37.51 -14.25
N VAL B 450 -20.15 -37.57 -14.21
CA VAL B 450 -20.84 -38.70 -13.60
C VAL B 450 -20.49 -40.00 -14.31
N LYS B 451 -20.54 -39.98 -15.64
CA LYS B 451 -20.22 -41.15 -16.44
C LYS B 451 -18.78 -41.59 -16.22
N ILE B 452 -17.88 -40.62 -16.07
CA ILE B 452 -16.48 -40.92 -15.79
C ILE B 452 -16.35 -41.54 -14.40
N SER B 453 -17.12 -41.00 -13.46
CA SER B 453 -17.11 -41.50 -12.09
C SER B 453 -17.68 -42.92 -12.01
N GLU B 454 -18.73 -43.17 -12.80
CA GLU B 454 -19.36 -44.48 -12.83
C GLU B 454 -18.40 -45.56 -13.30
N ARG B 455 -17.72 -45.30 -14.42
CA ARG B 455 -16.73 -46.24 -14.95
C ARG B 455 -15.59 -46.44 -13.96
N ALA B 456 -15.22 -45.38 -13.26
CA ALA B 456 -14.14 -45.45 -12.28
C ALA B 456 -14.62 -46.15 -11.00
N GLU B 457 -15.92 -46.43 -10.96
CA GLU B 457 -16.57 -47.10 -9.84
C GLU B 457 -16.37 -46.34 -8.53
N LEU B 458 -16.84 -45.10 -8.52
CA LEU B 458 -16.79 -44.24 -7.35
C LEU B 458 -18.19 -43.69 -7.07
N PRO B 459 -19.03 -44.52 -6.44
CA PRO B 459 -20.45 -44.22 -6.25
C PRO B 459 -20.73 -43.02 -5.35
N SER B 460 -19.88 -42.78 -4.37
CA SER B 460 -20.04 -41.64 -3.47
C SER B 460 -19.82 -40.34 -4.22
N LEU B 461 -18.89 -40.37 -5.16
CA LEU B 461 -18.59 -39.23 -6.00
C LEU B 461 -19.77 -38.89 -6.91
N VAL B 462 -20.37 -39.92 -7.50
CA VAL B 462 -21.53 -39.75 -8.37
C VAL B 462 -22.68 -39.03 -7.68
N LYS B 463 -23.00 -39.45 -6.46
CA LYS B 463 -24.06 -38.83 -5.69
C LYS B 463 -23.75 -37.36 -5.41
N LYS B 464 -22.48 -37.09 -5.12
CA LYS B 464 -22.05 -35.74 -4.77
C LYS B 464 -22.09 -34.81 -5.99
N ILE B 465 -21.79 -35.35 -7.17
CA ILE B 465 -21.86 -34.58 -8.40
C ILE B 465 -23.31 -34.29 -8.76
N ASN B 466 -24.19 -35.29 -8.59
CA ASN B 466 -25.62 -35.10 -8.82
C ASN B 466 -26.21 -34.09 -7.84
N ASN B 467 -25.61 -33.96 -6.67
CA ASN B 467 -26.01 -32.93 -5.72
C ASN B 467 -25.73 -31.54 -6.29
N ILE B 468 -24.62 -31.42 -7.03
CA ILE B 468 -24.27 -30.17 -7.67
C ILE B 468 -25.34 -29.80 -8.70
N ARG B 469 -25.77 -30.80 -9.46
CA ARG B 469 -26.81 -30.60 -10.46
C ARG B 469 -28.10 -30.11 -9.80
N GLU B 470 -28.47 -30.72 -8.69
CA GLU B 470 -29.68 -30.35 -7.97
C GLU B 470 -29.55 -28.98 -7.31
N ALA B 471 -28.37 -28.69 -6.76
CA ALA B 471 -28.11 -27.42 -6.09
C ALA B 471 -28.18 -26.25 -7.07
N ARG B 472 -27.76 -26.49 -8.30
CA ARG B 472 -27.79 -25.46 -9.33
C ARG B 472 -29.22 -25.25 -9.83
N TYR B 473 -29.98 -26.33 -9.92
CA TYR B 473 -31.39 -26.25 -10.28
C TYR B 473 -32.19 -25.45 -9.27
N GLU B 474 -31.81 -25.53 -7.99
CA GLU B 474 -32.50 -24.79 -6.95
C GLU B 474 -32.20 -23.29 -7.02
N GLN B 475 -30.93 -22.95 -7.22
CA GLN B 475 -30.51 -21.56 -7.36
C GLN B 475 -31.01 -20.93 -8.67
N GLN B 476 -31.28 -21.76 -9.66
CA GLN B 476 -31.74 -21.28 -10.95
C GLN B 476 -33.18 -20.77 -10.90
N LEU B 477 -33.91 -21.18 -9.86
CA LEU B 477 -35.31 -20.80 -9.72
C LEU B 477 -35.50 -19.60 -8.80
N LYS B 478 -34.38 -19.04 -8.34
CA LYS B 478 -34.42 -17.90 -7.43
C LYS B 478 -33.94 -16.62 -8.11
N PHE C 25 20.09 11.42 9.19
CA PHE C 25 19.10 12.49 9.25
C PHE C 25 18.59 12.70 10.67
N ARG C 26 18.41 13.97 11.04
CA ARG C 26 18.03 14.33 12.41
C ARG C 26 16.58 14.80 12.48
N TYR C 27 15.86 14.29 13.48
CA TYR C 27 14.49 14.73 13.74
C TYR C 27 14.46 15.85 14.77
N MET C 28 14.41 17.08 14.29
CA MET C 28 14.37 18.24 15.17
C MET C 28 12.96 18.57 15.60
N PRO C 29 12.79 19.04 16.84
CA PRO C 29 11.48 19.50 17.33
C PRO C 29 10.95 20.68 16.53
N PHE C 30 9.74 20.54 15.99
CA PHE C 30 9.18 21.54 15.10
C PHE C 30 7.99 22.28 15.71
N SER C 31 7.94 23.58 15.45
CA SER C 31 6.75 24.38 15.77
C SER C 31 6.58 25.45 14.70
N PRO C 32 5.32 25.79 14.37
CA PRO C 32 5.01 26.78 13.34
C PRO C 32 5.70 28.13 13.58
N ALA C 33 6.47 28.58 12.59
CA ALA C 33 7.14 29.88 12.63
C ALA C 33 8.04 30.03 13.85
N GLY C 34 8.63 28.93 14.30
CA GLY C 34 9.56 28.96 15.41
C GLY C 34 10.94 29.43 14.97
N THR C 35 11.69 30.02 15.90
CA THR C 35 13.02 30.56 15.59
C THR C 35 14.07 29.91 16.49
N PRO C 36 15.32 29.84 16.01
CA PRO C 36 16.42 29.29 16.82
C PRO C 36 16.98 30.28 17.82
N PHE C 37 17.71 29.78 18.82
CA PHE C 37 18.36 30.63 19.81
C PHE C 37 19.42 31.51 19.16
N GLY C 38 20.17 30.94 18.24
CA GLY C 38 21.29 31.63 17.63
C GLY C 38 22.39 31.84 18.65
N PHE C 39 22.91 33.07 18.73
CA PHE C 39 23.92 33.39 19.72
C PHE C 39 23.28 33.96 20.98
N THR C 40 21.98 34.22 20.90
CA THR C 40 21.25 34.84 21.99
C THR C 40 20.72 33.80 22.98
N ASP C 41 20.06 34.28 24.04
CA ASP C 41 19.50 33.38 25.05
C ASP C 41 17.99 33.32 24.97
N ARG C 42 17.44 33.78 23.86
CA ARG C 42 15.99 33.80 23.68
C ARG C 42 15.59 33.50 22.25
N ARG C 43 14.37 33.03 22.07
CA ARG C 43 13.85 32.69 20.75
C ARG C 43 12.33 32.56 20.81
N TYR C 44 11.70 32.49 19.65
CA TYR C 44 10.27 32.28 19.59
C TYR C 44 9.96 30.79 19.43
N LEU C 45 9.15 30.25 20.34
CA LEU C 45 8.74 28.86 20.25
C LEU C 45 7.80 28.67 19.05
N THR C 46 6.76 29.49 18.97
CA THR C 46 5.84 29.44 17.85
C THR C 46 5.21 30.80 17.61
N MET C 47 4.48 30.93 16.51
CA MET C 47 4.04 32.23 16.04
C MET C 47 2.95 32.11 14.98
N ASN C 48 1.82 32.78 15.22
CA ASN C 48 0.75 32.83 14.21
C ASN C 48 -0.11 34.07 14.38
N GLU C 49 -1.27 34.08 13.73
CA GLU C 49 -2.12 35.26 13.71
C GLU C 49 -2.70 35.58 15.09
N VAL C 50 -2.70 34.59 15.98
CA VAL C 50 -3.23 34.79 17.33
C VAL C 50 -2.23 35.54 18.21
N GLY C 51 -0.98 35.09 18.17
CA GLY C 51 0.07 35.76 18.93
C GLY C 51 1.43 35.11 18.74
N TYR C 52 2.31 35.33 19.71
CA TYR C 52 3.67 34.79 19.64
C TYR C 52 4.13 34.32 21.01
N VAL C 53 4.87 33.21 21.03
CA VAL C 53 5.35 32.62 22.27
C VAL C 53 6.87 32.56 22.26
N SER C 54 7.49 33.04 23.34
CA SER C 54 8.95 33.06 23.42
C SER C 54 9.46 32.40 24.68
N THR C 55 10.71 31.94 24.64
CA THR C 55 11.34 31.36 25.81
C THR C 55 12.72 31.99 26.02
N VAL C 56 13.08 32.21 27.27
CA VAL C 56 14.35 32.85 27.61
C VAL C 56 15.14 32.00 28.59
N LYS C 57 16.39 31.70 28.23
CA LYS C 57 17.31 31.03 29.15
C LYS C 57 17.66 31.96 30.30
N ASN C 58 17.28 31.61 31.52
CA ASN C 58 17.72 32.38 32.68
C ASN C 58 18.83 31.64 33.41
N SER C 59 19.04 32.00 34.68
CA SER C 59 20.17 31.48 35.45
C SER C 59 20.14 29.96 35.62
N GLU C 60 18.96 29.40 35.86
CA GLU C 60 18.87 27.96 36.13
C GLU C 60 17.77 27.24 35.34
N GLN C 61 16.76 27.97 34.88
CA GLN C 61 15.67 27.35 34.13
C GLN C 61 15.34 28.14 32.85
N TYR C 62 14.06 28.12 32.49
CA TYR C 62 13.59 28.90 31.35
C TYR C 62 12.39 29.76 31.74
N SER C 63 12.13 30.80 30.96
CA SER C 63 10.97 31.66 31.19
C SER C 63 10.18 31.83 29.90
N ILE C 64 8.94 31.35 29.90
CA ILE C 64 8.10 31.36 28.71
C ILE C 64 7.09 32.50 28.76
N THR C 65 7.01 33.25 27.66
CA THR C 65 6.06 34.35 27.55
C THR C 65 5.09 34.13 26.40
N VAL C 66 3.80 34.31 26.67
CA VAL C 66 2.77 34.16 25.66
C VAL C 66 2.09 35.50 25.38
N SER C 67 2.36 36.07 24.21
CA SER C 67 1.80 37.37 23.87
C SER C 67 0.79 37.26 22.72
N PHE C 68 -0.10 38.24 22.64
CA PHE C 68 -1.14 38.25 21.63
C PHE C 68 -1.12 39.53 20.81
N PHE C 69 -1.69 39.48 19.61
CA PHE C 69 -1.76 40.65 18.74
C PHE C 69 -3.02 41.47 19.00
N ASP C 70 -4.11 40.80 19.33
CA ASP C 70 -5.33 41.47 19.78
C ASP C 70 -5.28 41.56 21.30
N VAL C 71 -4.61 42.60 21.80
CA VAL C 71 -4.42 42.76 23.24
C VAL C 71 -5.74 42.97 23.96
N GLY C 72 -6.74 43.46 23.23
CA GLY C 72 -8.07 43.66 23.82
C GLY C 72 -8.81 42.36 24.04
N ARG C 73 -8.34 41.30 23.42
CA ARG C 73 -9.05 40.02 23.47
C ARG C 73 -8.44 39.03 24.47
N PHE C 74 -7.12 38.91 24.48
CA PHE C 74 -6.46 37.94 25.37
C PHE C 74 -5.47 38.60 26.34
N ARG C 75 -5.33 37.98 27.51
CA ARG C 75 -4.38 38.44 28.53
C ARG C 75 -3.00 37.81 28.33
N GLU C 76 -2.01 38.64 28.01
CA GLU C 76 -0.62 38.19 27.94
C GLU C 76 -0.18 37.70 29.32
N TYR C 77 0.66 36.67 29.34
CA TYR C 77 1.19 36.16 30.60
C TYR C 77 2.54 35.49 30.40
N HIS C 78 3.19 35.15 31.52
CA HIS C 78 4.46 34.45 31.50
C HIS C 78 4.57 33.52 32.70
N PHE C 79 5.43 32.52 32.60
CA PHE C 79 5.64 31.59 33.72
C PHE C 79 7.04 31.00 33.66
N GLU C 80 7.47 30.42 34.79
CA GLU C 80 8.77 29.76 34.87
C GLU C 80 8.69 28.35 34.32
N ASP C 81 9.57 28.05 33.37
CA ASP C 81 9.60 26.73 32.74
C ASP C 81 10.73 25.88 33.33
N LEU C 82 10.36 24.99 34.25
CA LEU C 82 11.32 24.12 34.90
C LEU C 82 11.68 22.92 34.04
N PHE C 83 10.94 22.73 32.95
CA PHE C 83 11.09 21.53 32.12
C PHE C 83 11.90 21.78 30.86
N GLY C 84 11.80 22.99 30.32
CA GLY C 84 12.56 23.35 29.14
C GLY C 84 11.87 23.00 27.83
N TYR C 85 10.58 23.32 27.74
CA TYR C 85 9.79 23.03 26.54
C TYR C 85 10.45 23.60 25.29
N ASP C 86 10.49 22.79 24.24
CA ASP C 86 11.05 23.23 22.96
C ASP C 86 10.02 23.09 21.85
N LEU C 87 8.83 22.62 22.21
CA LEU C 87 7.72 22.52 21.28
C LEU C 87 6.56 23.36 21.75
N CYS C 88 5.83 23.97 20.81
CA CYS C 88 4.68 24.78 21.17
C CYS C 88 3.69 24.93 20.03
N PHE C 89 2.41 25.00 20.37
CA PHE C 89 1.36 25.28 19.41
C PHE C 89 0.32 26.22 20.02
N LEU C 90 -0.11 27.21 19.25
CA LEU C 90 -1.00 28.25 19.75
C LEU C 90 -2.27 28.35 18.94
N ASN C 91 -3.40 28.48 19.62
CA ASN C 91 -4.68 28.72 18.95
C ASN C 91 -5.49 29.81 19.65
N GLU C 92 -6.77 29.93 19.30
CA GLU C 92 -7.60 30.99 19.85
C GLU C 92 -8.20 30.65 21.21
N LYS C 93 -7.91 29.45 21.71
CA LYS C 93 -8.49 29.00 22.99
C LYS C 93 -7.45 28.67 24.04
N GLY C 94 -6.26 28.24 23.61
CA GLY C 94 -5.21 27.89 24.54
C GLY C 94 -3.85 27.72 23.90
N THR C 95 -2.85 27.40 24.71
CA THR C 95 -1.50 27.16 24.22
C THR C 95 -1.00 25.78 24.64
N LEU C 96 -0.43 25.05 23.69
CA LEU C 96 0.07 23.71 23.96
C LEU C 96 1.60 23.70 24.02
N PHE C 97 2.15 23.13 25.09
CA PHE C 97 3.60 23.07 25.25
C PHE C 97 4.08 21.62 25.27
N GLY C 98 5.28 21.39 24.76
CA GLY C 98 5.84 20.06 24.70
C GLY C 98 7.34 20.01 24.90
N GLN C 99 7.80 18.99 25.61
CA GLN C 99 9.21 18.74 25.82
C GLN C 99 9.62 17.50 25.04
N SER C 100 10.47 17.68 24.03
CA SER C 100 10.75 16.65 23.04
C SER C 100 11.46 15.40 23.58
N LYS C 101 12.21 15.55 24.67
CA LYS C 101 13.04 14.45 25.15
C LYS C 101 12.44 13.71 26.35
N THR C 102 11.69 14.41 27.19
CA THR C 102 11.08 13.75 28.35
C THR C 102 9.64 13.34 28.04
N GLY C 103 9.12 13.86 26.93
CA GLY C 103 7.77 13.53 26.52
C GLY C 103 6.71 14.22 27.35
N GLN C 104 7.11 15.27 28.06
CA GLN C 104 6.17 16.02 28.86
C GLN C 104 5.43 17.07 28.04
N ILE C 105 4.14 17.19 28.25
CA ILE C 105 3.35 18.21 27.58
C ILE C 105 2.44 18.94 28.57
N GLN C 106 2.08 20.18 28.24
CA GLN C 106 1.18 20.95 29.07
C GLN C 106 0.27 21.82 28.20
N TYR C 107 -1.02 21.81 28.52
CA TYR C 107 -1.97 22.66 27.82
C TYR C 107 -2.48 23.76 28.74
N ARG C 108 -2.29 25.01 28.33
CA ARG C 108 -2.78 26.14 29.10
C ARG C 108 -3.87 26.88 28.35
N PRO C 109 -5.13 26.75 28.81
CA PRO C 109 -6.22 27.55 28.26
C PRO C 109 -6.00 29.03 28.51
N HIS C 110 -6.37 29.87 27.55
CA HIS C 110 -6.23 31.32 27.69
C HIS C 110 -7.09 31.86 28.82
N ASP C 111 -8.26 31.26 29.02
CA ASP C 111 -9.17 31.69 30.06
C ASP C 111 -8.87 30.96 31.38
N SER C 112 -8.85 31.72 32.48
CA SER C 112 -8.54 31.17 33.79
C SER C 112 -9.64 30.23 34.29
N ILE C 113 -10.83 30.35 33.71
CA ILE C 113 -11.96 29.51 34.04
C ILE C 113 -11.63 28.04 33.84
N HIS C 114 -10.83 27.75 32.83
CA HIS C 114 -10.43 26.38 32.53
C HIS C 114 -9.06 26.07 33.14
N SER C 115 -8.91 24.84 33.61
CA SER C 115 -7.68 24.42 34.28
C SER C 115 -6.58 24.05 33.30
N ASN C 116 -5.34 24.36 33.63
CA ASN C 116 -4.20 23.80 32.93
C ASN C 116 -4.13 22.31 33.22
N TRP C 117 -3.53 21.54 32.31
CA TRP C 117 -3.25 20.14 32.61
C TRP C 117 -1.92 19.68 32.01
N THR C 118 -1.27 18.78 32.72
CA THR C 118 0.03 18.26 32.32
C THR C 118 -0.07 16.74 32.10
N LYS C 119 0.74 16.23 31.19
CA LYS C 119 0.72 14.81 30.85
C LYS C 119 2.08 14.40 30.29
N ILE C 120 2.53 13.20 30.63
CA ILE C 120 3.78 12.70 30.07
C ILE C 120 3.51 11.64 29.00
N ILE C 121 4.12 11.85 27.83
CA ILE C 121 4.00 10.94 26.71
C ILE C 121 5.06 9.85 26.79
N PRO C 122 4.64 8.58 26.65
CA PRO C 122 5.60 7.48 26.62
C PRO C 122 6.55 7.59 25.45
N LEU C 123 7.85 7.45 25.71
CA LEU C 123 8.84 7.48 24.65
C LEU C 123 9.77 6.27 24.72
N GLN C 124 9.90 5.55 23.61
CA GLN C 124 10.86 4.46 23.53
C GLN C 124 12.25 5.05 23.42
N ALA C 125 13.27 4.20 23.51
CA ALA C 125 14.65 4.66 23.45
C ALA C 125 14.95 5.33 22.12
N GLY C 126 15.35 6.60 22.18
CA GLY C 126 15.70 7.34 20.97
C GLY C 126 14.54 8.09 20.35
N GLU C 127 13.34 7.84 20.84
CA GLU C 127 12.14 8.47 20.32
C GLU C 127 11.96 9.88 20.89
N ARG C 128 11.70 10.83 20.02
CA ARG C 128 11.45 12.21 20.41
C ARG C 128 10.09 12.69 19.91
N ILE C 129 9.41 13.52 20.71
CA ILE C 129 8.27 14.26 20.18
C ILE C 129 8.81 15.25 19.16
N THR C 130 8.23 15.25 17.96
CA THR C 130 8.76 16.07 16.88
C THR C 130 7.84 17.24 16.55
N SER C 131 6.59 17.15 16.95
CA SER C 131 5.61 18.19 16.67
C SER C 131 4.33 17.99 17.47
N VAL C 132 3.76 19.08 17.95
CA VAL C 132 2.47 19.03 18.62
C VAL C 132 1.52 20.06 18.01
N ALA C 133 0.23 19.86 18.19
CA ALA C 133 -0.78 20.80 17.71
C ALA C 133 -2.06 20.68 18.51
N ALA C 134 -2.86 21.74 18.52
CA ALA C 134 -4.10 21.74 19.28
C ALA C 134 -5.22 22.51 18.59
N THR C 135 -6.45 22.12 18.90
CA THR C 135 -7.64 22.85 18.47
C THR C 135 -8.51 23.04 19.71
N PRO C 136 -9.65 23.76 19.58
CA PRO C 136 -10.54 23.81 20.73
C PRO C 136 -10.99 22.45 21.27
N VAL C 137 -10.94 21.40 20.46
CA VAL C 137 -11.42 20.08 20.90
C VAL C 137 -10.41 18.93 20.76
N ARG C 138 -9.20 19.23 20.31
CA ARG C 138 -8.22 18.17 20.06
C ARG C 138 -6.79 18.58 20.42
N VAL C 139 -6.02 17.61 20.89
CA VAL C 139 -4.59 17.79 21.14
C VAL C 139 -3.83 16.68 20.44
N ILE C 140 -2.80 17.04 19.69
CA ILE C 140 -2.09 16.08 18.85
C ILE C 140 -0.60 16.03 19.19
N VAL C 141 -0.08 14.82 19.32
CA VAL C 141 1.35 14.63 19.54
C VAL C 141 1.92 13.65 18.52
N GLY C 142 3.01 14.03 17.86
CA GLY C 142 3.67 13.18 16.89
C GLY C 142 5.12 12.90 17.28
N THR C 143 5.61 11.72 16.93
CA THR C 143 6.97 11.35 17.31
C THR C 143 7.82 10.93 16.11
N SER C 144 9.13 10.79 16.37
CA SER C 144 10.07 10.40 15.33
C SER C 144 9.94 8.94 14.94
N LEU C 145 9.20 8.17 15.74
CA LEU C 145 8.94 6.76 15.42
C LEU C 145 7.61 6.58 14.72
N GLY C 146 6.88 7.68 14.54
CA GLY C 146 5.61 7.64 13.83
C GLY C 146 4.42 7.32 14.72
N TYR C 147 4.55 7.59 16.02
CA TYR C 147 3.42 7.44 16.93
C TYR C 147 2.53 8.69 16.87
N PHE C 148 1.25 8.47 16.61
CA PHE C 148 0.29 9.55 16.50
C PHE C 148 -0.68 9.45 17.67
N ARG C 149 -0.51 10.32 18.66
CA ARG C 149 -1.32 10.28 19.88
C ARG C 149 -2.28 11.46 19.97
N SER C 150 -3.56 11.17 20.16
CA SER C 150 -4.60 12.19 20.16
C SER C 150 -5.36 12.26 21.48
N PHE C 151 -5.78 13.47 21.84
CA PHE C 151 -6.50 13.72 23.09
C PHE C 151 -7.59 14.77 22.85
N ASN C 152 -8.53 14.89 23.79
CA ASN C 152 -9.43 16.03 23.76
C ASN C 152 -8.77 17.19 24.51
N GLN C 153 -9.48 18.31 24.64
CA GLN C 153 -8.89 19.51 25.21
C GLN C 153 -8.62 19.38 26.71
N PHE C 154 -9.04 18.28 27.32
CA PHE C 154 -8.86 18.09 28.76
C PHE C 154 -7.80 17.03 29.10
N GLY C 155 -7.31 16.34 28.08
CA GLY C 155 -6.22 15.41 28.27
C GLY C 155 -6.58 13.94 28.11
N VAL C 156 -7.88 13.67 28.00
CA VAL C 156 -8.35 12.30 27.81
C VAL C 156 -7.88 11.73 26.48
N PRO C 157 -7.11 10.62 26.53
CA PRO C 157 -6.62 9.96 25.32
C PRO C 157 -7.75 9.35 24.49
N PHE C 158 -7.67 9.51 23.17
CA PHE C 158 -8.70 9.00 22.28
C PHE C 158 -8.17 7.86 21.42
N ALA C 159 -6.90 7.94 21.04
CA ALA C 159 -6.32 6.92 20.17
C ALA C 159 -4.80 6.97 20.16
N VAL C 160 -4.20 5.84 19.80
CA VAL C 160 -2.78 5.80 19.50
C VAL C 160 -2.62 5.12 18.15
N GLU C 161 -2.04 5.84 17.19
CA GLU C 161 -1.88 5.31 15.85
C GLU C 161 -0.40 5.19 15.49
N LYS C 162 -0.07 4.20 14.68
CA LYS C 162 1.28 4.06 14.16
C LYS C 162 1.30 4.49 12.70
N THR C 163 2.16 5.48 12.39
CA THR C 163 2.32 5.96 11.03
C THR C 163 3.81 6.04 10.68
N SER C 164 4.11 6.66 9.54
CA SER C 164 5.49 7.00 9.21
C SER C 164 5.97 8.07 10.18
N PRO C 165 7.29 8.16 10.40
CA PRO C 165 7.86 9.17 11.29
C PRO C 165 7.34 10.58 11.00
N ILE C 166 6.84 11.25 12.03
CA ILE C 166 6.23 12.57 11.88
C ILE C 166 7.25 13.66 12.10
N VAL C 167 7.23 14.68 11.24
CA VAL C 167 8.15 15.81 11.39
C VAL C 167 7.42 17.12 11.63
N ALA C 168 6.15 17.20 11.23
CA ALA C 168 5.39 18.44 11.36
C ALA C 168 3.88 18.19 11.45
N LEU C 169 3.24 18.90 12.37
CA LEU C 169 1.80 18.77 12.59
C LEU C 169 1.12 20.14 12.63
N THR C 170 -0.13 20.17 12.18
CA THR C 170 -1.00 21.33 12.38
C THR C 170 -2.43 20.84 12.31
N ALA C 171 -3.36 21.64 12.82
CA ALA C 171 -4.75 21.21 12.93
C ALA C 171 -5.72 22.37 12.94
N GLN C 172 -6.96 22.07 12.55
CA GLN C 172 -8.05 23.04 12.56
C GLN C 172 -9.36 22.31 12.82
N ASN C 173 -9.97 22.62 13.97
CA ASN C 173 -11.17 21.93 14.43
C ASN C 173 -10.97 20.42 14.57
N TYR C 174 -11.45 19.67 13.59
CA TYR C 174 -11.31 18.22 13.63
C TYR C 174 -10.35 17.71 12.56
N ARG C 175 -9.85 18.62 11.73
CA ARG C 175 -8.92 18.24 10.67
C ARG C 175 -7.48 18.30 11.14
N VAL C 176 -6.66 17.39 10.61
CA VAL C 176 -5.24 17.36 10.92
C VAL C 176 -4.42 17.27 9.63
N PHE C 177 -3.37 18.07 9.57
CA PHE C 177 -2.44 18.04 8.43
C PHE C 177 -1.05 17.71 8.95
N SER C 178 -0.54 16.56 8.54
CA SER C 178 0.73 16.05 9.05
C SER C 178 1.75 15.81 7.95
N VAL C 179 3.00 16.17 8.21
CA VAL C 179 4.08 15.91 7.29
C VAL C 179 4.95 14.77 7.82
N HIS C 180 5.23 13.80 6.96
CA HIS C 180 6.01 12.63 7.37
C HIS C 180 7.30 12.49 6.58
N TYR C 181 8.27 11.79 7.15
CA TYR C 181 9.52 11.52 6.46
C TYR C 181 9.74 10.02 6.27
N SER C 182 10.05 9.62 5.05
CA SER C 182 10.40 8.25 4.73
C SER C 182 11.83 8.16 4.20
N GLN C 183 12.52 7.08 4.53
CA GLN C 183 13.87 6.86 4.03
C GLN C 183 13.89 6.77 2.51
N PHE C 184 12.78 6.32 1.95
CA PHE C 184 12.73 5.92 0.54
C PHE C 184 12.35 7.05 -0.43
N HIS C 185 11.32 7.82 -0.08
CA HIS C 185 10.87 8.88 -1.00
C HIS C 185 10.80 10.26 -0.34
N GLY C 186 11.36 10.38 0.86
CA GLY C 186 11.46 11.67 1.53
C GLY C 186 10.15 12.16 2.13
N LEU C 187 9.87 13.45 1.95
CA LEU C 187 8.72 14.08 2.58
C LEU C 187 7.39 13.70 1.97
N SER C 188 6.44 13.35 2.82
CA SER C 188 5.08 13.08 2.41
C SER C 188 4.12 13.78 3.37
N TYR C 189 2.86 13.90 2.97
CA TYR C 189 1.87 14.55 3.83
C TYR C 189 0.62 13.69 3.94
N SER C 190 -0.06 13.79 5.08
CA SER C 190 -1.37 13.17 5.25
C SER C 190 -2.38 14.22 5.71
N LEU C 191 -3.61 14.05 5.28
CA LEU C 191 -4.70 14.94 5.67
C LEU C 191 -5.87 14.12 6.18
N SER C 192 -6.31 14.41 7.41
CA SER C 192 -7.33 13.57 8.03
C SER C 192 -8.31 14.34 8.92
N GLU C 193 -9.46 13.72 9.19
CA GLU C 193 -10.46 14.30 10.06
C GLU C 193 -10.70 13.41 11.29
N LEU C 194 -10.41 13.95 12.46
CA LEU C 194 -10.59 13.21 13.71
C LEU C 194 -12.00 13.36 14.28
N GLY C 195 -13.00 12.94 13.52
CA GLY C 195 -14.38 13.06 13.95
C GLY C 195 -14.73 12.22 15.17
N THR C 196 -16.02 12.13 15.48
CA THR C 196 -16.49 11.34 16.61
C THR C 196 -16.56 9.86 16.25
N SER C 197 -16.86 9.58 14.99
CA SER C 197 -16.94 8.21 14.49
C SER C 197 -15.55 7.57 14.50
N SER C 198 -14.73 7.94 13.52
CA SER C 198 -13.37 7.44 13.41
C SER C 198 -12.54 8.33 12.51
N LYS C 199 -11.23 8.37 12.75
CA LYS C 199 -10.30 9.15 11.93
C LYS C 199 -10.37 8.73 10.46
N ARG C 200 -10.70 9.68 9.60
CA ARG C 200 -10.81 9.42 8.17
C ARG C 200 -9.69 10.13 7.41
N TYR C 201 -9.04 9.40 6.49
CA TYR C 201 -7.98 9.98 5.67
C TYR C 201 -8.49 10.48 4.33
N TYR C 202 -8.19 11.74 4.00
CA TYR C 202 -8.47 12.27 2.67
C TYR C 202 -7.25 12.09 1.80
N LYS C 203 -6.08 12.29 2.40
CA LYS C 203 -4.81 12.04 1.76
C LYS C 203 -3.95 11.21 2.70
N ARG C 204 -3.38 10.13 2.19
CA ARG C 204 -2.58 9.23 3.02
C ARG C 204 -1.16 9.12 2.50
N GLU C 205 -0.26 9.89 3.12
CA GLU C 205 1.16 9.88 2.79
C GLU C 205 1.41 10.11 1.30
N CYS C 206 0.83 11.19 0.78
CA CYS C 206 0.98 11.57 -0.62
C CYS C 206 2.25 12.43 -0.79
N PRO C 207 2.73 12.57 -2.04
CA PRO C 207 3.90 13.40 -2.31
C PRO C 207 3.74 14.85 -1.86
N LEU C 208 4.73 15.36 -1.14
CA LEU C 208 4.75 16.76 -0.72
C LEU C 208 5.66 17.55 -1.66
N PRO C 209 5.07 18.31 -2.59
CA PRO C 209 5.83 19.03 -3.61
C PRO C 209 6.50 20.29 -3.09
N MET C 210 7.27 20.16 -2.02
CA MET C 210 7.94 21.30 -1.43
C MET C 210 9.45 21.16 -1.57
N SER C 211 10.10 22.24 -1.99
CA SER C 211 11.54 22.22 -2.22
C SER C 211 12.32 22.27 -0.91
N LEU C 212 13.18 21.28 -0.71
CA LEU C 212 14.05 21.21 0.46
C LEU C 212 15.11 22.30 0.40
N PRO C 213 15.68 22.68 1.56
CA PRO C 213 16.77 23.65 1.61
C PRO C 213 17.96 23.26 0.74
N ASN C 214 18.47 24.21 -0.02
CA ASN C 214 19.61 23.97 -0.90
C ASN C 214 20.93 23.98 -0.14
N ASP C 222 27.47 30.47 5.56
CA ASP C 222 26.19 31.16 5.52
C ASP C 222 25.85 31.74 6.89
N ALA C 223 25.17 32.89 6.90
CA ALA C 223 24.78 33.54 8.14
C ALA C 223 23.62 32.81 8.81
N ASN C 224 22.61 32.45 8.02
CA ASN C 224 21.47 31.71 8.51
C ASN C 224 21.75 30.20 8.57
N LEU C 225 22.90 29.85 9.14
CA LEU C 225 23.29 28.45 9.28
C LEU C 225 22.58 27.81 10.45
N ASP C 226 22.42 28.58 11.53
CA ASP C 226 21.80 28.08 12.76
C ASP C 226 20.35 27.69 12.54
N TYR C 227 19.70 28.28 11.53
CA TYR C 227 18.30 27.99 11.28
C TYR C 227 18.10 26.62 10.65
N TYR C 228 18.94 26.31 9.66
CA TYR C 228 18.81 25.03 8.97
C TYR C 228 19.35 23.88 9.81
N ASN C 229 20.12 24.21 10.84
CA ASN C 229 20.48 23.24 11.87
C ASN C 229 19.32 23.06 12.83
N PHE C 230 18.52 24.11 12.96
CA PHE C 230 17.36 24.13 13.85
C PHE C 230 16.13 23.55 13.16
N ASN C 231 16.03 23.79 11.85
CA ASN C 231 14.97 23.24 11.03
C ASN C 231 15.50 22.76 9.68
N PRO C 232 15.98 21.51 9.64
CA PRO C 232 16.62 20.92 8.46
C PRO C 232 15.69 20.83 7.25
N MET C 233 14.40 20.61 7.50
CA MET C 233 13.44 20.45 6.40
C MET C 233 12.99 21.79 5.83
N GLY C 234 13.42 22.88 6.48
CA GLY C 234 13.18 24.21 5.97
C GLY C 234 11.75 24.66 5.97
N ILE C 235 10.87 23.88 6.59
CA ILE C 235 9.47 24.26 6.70
C ILE C 235 9.32 25.38 7.73
N LYS C 236 9.23 26.61 7.24
CA LYS C 236 9.15 27.76 8.13
C LYS C 236 7.88 27.71 8.97
N SER C 237 6.77 27.41 8.32
CA SER C 237 5.50 27.25 9.01
C SER C 237 4.52 26.46 8.16
N LEU C 238 3.43 26.02 8.77
CA LEU C 238 2.34 25.36 8.05
C LEU C 238 1.06 25.57 8.82
N PHE C 239 -0.06 25.60 8.11
CA PHE C 239 -1.34 25.91 8.71
C PHE C 239 -2.50 25.67 7.75
N PHE C 240 -3.71 25.67 8.30
CA PHE C 240 -4.91 25.69 7.49
C PHE C 240 -5.28 27.14 7.16
N SER C 241 -5.82 27.36 5.98
CA SER C 241 -6.36 28.67 5.63
C SER C 241 -7.62 28.92 6.44
N SER C 242 -8.19 30.12 6.32
CA SER C 242 -9.44 30.42 7.01
C SER C 242 -10.59 29.61 6.42
N TYR C 243 -10.40 29.12 5.19
CA TYR C 243 -11.42 28.32 4.52
C TYR C 243 -11.06 26.84 4.43
N GLY C 244 -10.17 26.39 5.30
CA GLY C 244 -9.94 24.97 5.50
C GLY C 244 -8.92 24.28 4.62
N ASP C 245 -8.09 25.04 3.93
CA ASP C 245 -7.11 24.46 3.02
C ASP C 245 -5.71 24.45 3.62
N PRO C 246 -5.06 23.28 3.61
CA PRO C 246 -3.69 23.10 4.11
C PRO C 246 -2.70 23.99 3.37
N CYS C 247 -1.91 24.76 4.10
CA CYS C 247 -0.86 25.59 3.51
C CYS C 247 0.50 25.26 4.10
N ILE C 248 1.53 25.29 3.27
CA ILE C 248 2.88 25.10 3.76
C ILE C 248 3.78 26.21 3.21
N PHE C 249 4.81 26.57 3.95
CA PHE C 249 5.70 27.67 3.59
C PHE C 249 7.16 27.26 3.79
N GLY C 250 7.84 26.92 2.71
CA GLY C 250 9.19 26.39 2.78
C GLY C 250 10.27 27.44 2.66
N SER C 251 11.49 26.96 2.37
CA SER C 251 12.65 27.84 2.26
C SER C 251 12.65 28.62 0.95
N ASP C 252 11.88 28.14 -0.02
CA ASP C 252 11.76 28.84 -1.29
C ASP C 252 10.84 30.05 -1.15
N ASN C 253 10.30 30.22 0.05
CA ASN C 253 9.45 31.36 0.40
C ASN C 253 8.23 31.47 -0.51
N THR C 254 7.64 30.33 -0.84
CA THR C 254 6.42 30.32 -1.63
C THR C 254 5.29 29.63 -0.85
N LEU C 255 4.17 30.33 -0.71
CA LEU C 255 3.01 29.78 -0.02
C LEU C 255 2.27 28.78 -0.90
N LEU C 256 2.42 27.50 -0.57
CA LEU C 256 1.76 26.43 -1.30
C LEU C 256 0.40 26.10 -0.71
N LEU C 257 -0.63 26.16 -1.55
CA LEU C 257 -2.00 25.88 -1.12
C LEU C 257 -2.51 24.59 -1.76
N LEU C 258 -3.06 23.69 -0.93
CA LEU C 258 -3.65 22.46 -1.44
C LEU C 258 -5.14 22.66 -1.68
N SER C 259 -5.53 22.74 -2.94
CA SER C 259 -6.93 22.96 -3.30
C SER C 259 -7.63 21.67 -3.69
N LYS C 260 -8.95 21.63 -3.49
CA LYS C 260 -9.78 20.50 -3.88
C LYS C 260 -9.29 19.18 -3.29
N TRP C 261 -8.89 19.21 -2.01
CA TRP C 261 -8.40 18.00 -1.36
C TRP C 261 -9.53 17.03 -1.04
N ARG C 262 -10.77 17.49 -1.14
CA ARG C 262 -11.94 16.62 -0.95
C ARG C 262 -12.13 15.69 -2.13
N SER C 263 -11.59 16.08 -3.28
CA SER C 263 -11.73 15.30 -4.51
C SER C 263 -10.38 14.79 -5.01
N PRO C 264 -10.17 13.46 -4.97
CA PRO C 264 -8.92 12.80 -5.33
C PRO C 264 -8.45 13.08 -6.76
N GLU C 265 -9.38 13.18 -7.71
CA GLU C 265 -9.02 13.31 -9.12
C GLU C 265 -8.58 14.72 -9.51
N GLU C 266 -8.57 15.64 -8.56
CA GLU C 266 -8.28 17.02 -8.88
C GLU C 266 -7.68 17.82 -7.72
N SER C 267 -7.04 17.11 -6.79
CA SER C 267 -6.37 17.76 -5.67
C SER C 267 -4.94 18.14 -6.04
N LYS C 268 -4.70 19.44 -6.23
CA LYS C 268 -3.37 19.89 -6.59
C LYS C 268 -2.85 21.01 -5.68
N TRP C 269 -1.53 21.13 -5.59
CA TRP C 269 -0.89 22.18 -4.82
C TRP C 269 -0.67 23.42 -5.67
N LEU C 270 -1.14 24.57 -5.19
CA LEU C 270 -1.03 25.82 -5.92
C LEU C 270 -0.06 26.79 -5.25
N PRO C 271 0.95 27.27 -5.99
CA PRO C 271 1.83 28.32 -5.52
C PRO C 271 1.17 29.70 -5.62
N ILE C 272 0.20 29.96 -4.74
CA ILE C 272 -0.60 31.17 -4.83
C ILE C 272 0.13 32.42 -4.37
N LEU C 273 1.40 32.28 -3.99
CA LEU C 273 2.18 33.43 -3.56
C LEU C 273 3.68 33.19 -3.57
N ASP C 274 4.39 33.92 -4.42
CA ASP C 274 5.84 33.98 -4.36
C ASP C 274 6.22 35.27 -3.65
N SER C 275 6.54 35.17 -2.37
CA SER C 275 6.82 36.34 -1.54
C SER C 275 8.06 37.10 -2.03
N ASN C 276 8.95 36.40 -2.72
CA ASN C 276 10.13 37.03 -3.31
C ASN C 276 9.75 38.09 -4.34
N MET C 277 8.71 37.81 -5.12
CA MET C 277 8.22 38.74 -6.12
C MET C 277 7.57 39.97 -5.48
N GLU C 278 6.73 39.74 -4.48
CA GLU C 278 6.00 40.82 -3.82
C GLU C 278 6.92 41.77 -3.05
N ILE C 279 8.04 41.25 -2.58
CA ILE C 279 9.05 42.07 -1.92
C ILE C 279 9.74 42.97 -2.94
N TRP C 280 10.12 42.36 -4.07
CA TRP C 280 10.79 43.08 -5.15
C TRP C 280 9.92 44.21 -5.71
N LYS C 281 8.60 44.00 -5.70
CA LYS C 281 7.66 45.03 -6.13
C LYS C 281 7.58 46.15 -5.11
N MET C 282 7.63 45.80 -3.83
CA MET C 282 7.59 46.79 -2.76
C MET C 282 8.90 47.57 -2.68
N SER C 283 9.96 47.03 -3.29
CA SER C 283 11.26 47.68 -3.29
C SER C 283 11.46 48.55 -4.54
N GLY C 284 10.42 48.66 -5.36
CA GLY C 284 10.46 49.51 -6.53
C GLY C 284 11.15 48.88 -7.74
N GLY C 285 11.82 47.76 -7.50
CA GLY C 285 12.56 47.09 -8.55
C GLY C 285 14.05 46.98 -8.22
N LYS C 286 14.35 46.81 -6.94
CA LYS C 286 15.73 46.69 -6.48
C LYS C 286 15.90 45.51 -5.53
N GLU C 287 16.72 44.55 -5.94
CA GLU C 287 16.91 43.31 -5.18
C GLU C 287 17.59 43.56 -3.83
N THR C 288 16.79 43.63 -2.78
CA THR C 288 17.33 43.84 -1.43
C THR C 288 17.37 42.54 -0.64
N THR C 289 18.56 42.17 -0.16
CA THR C 289 18.72 40.99 0.67
C THR C 289 18.61 41.34 2.15
N ASP C 290 17.77 42.32 2.45
CA ASP C 290 17.54 42.77 3.83
C ASP C 290 16.17 42.31 4.33
N ILE C 291 15.24 42.10 3.40
CA ILE C 291 13.86 41.80 3.76
C ILE C 291 13.49 40.33 3.54
N HIS C 292 12.94 39.72 4.57
CA HIS C 292 12.45 38.34 4.50
C HIS C 292 11.07 38.22 5.10
N VAL C 293 10.24 37.35 4.54
CA VAL C 293 8.87 37.16 5.02
C VAL C 293 8.80 36.00 6.03
N TRP C 294 8.06 36.23 7.11
CA TRP C 294 7.86 35.22 8.13
C TRP C 294 6.35 34.95 8.27
N PRO C 295 5.89 33.83 7.70
CA PRO C 295 4.46 33.49 7.60
C PRO C 295 3.76 33.29 8.94
N LEU C 296 2.56 33.82 9.06
CA LEU C 296 1.77 33.66 10.28
C LEU C 296 0.47 32.91 9.99
N ALA C 297 -0.26 33.35 8.98
CA ALA C 297 -1.55 32.76 8.65
C ALA C 297 -2.00 33.14 7.25
N LEU C 298 -3.09 32.52 6.81
CA LEU C 298 -3.75 32.88 5.57
C LEU C 298 -5.22 33.14 5.82
N ALA C 299 -5.62 34.42 5.74
CA ALA C 299 -6.98 34.81 6.04
C ALA C 299 -7.75 35.18 4.78
N TYR C 300 -8.28 34.17 4.09
CA TYR C 300 -9.03 34.35 2.85
C TYR C 300 -8.23 35.07 1.77
N ASP C 301 -8.07 36.37 1.91
CA ASP C 301 -7.52 37.21 0.84
C ASP C 301 -6.09 37.69 1.09
N THR C 302 -5.63 37.60 2.34
CA THR C 302 -4.31 38.13 2.68
C THR C 302 -3.44 37.12 3.42
N LEU C 303 -2.12 37.27 3.25
CA LEU C 303 -1.16 36.49 4.01
C LEU C 303 -0.61 37.30 5.19
N ASN C 304 -1.08 36.97 6.39
N ASN C 304 -1.07 36.97 6.38
CA ASN C 304 -0.55 37.59 7.60
CA ASN C 304 -0.55 37.59 7.60
C ASN C 304 0.90 37.16 7.81
C ASN C 304 0.90 37.16 7.81
N CYS C 305 1.79 38.12 8.04
CA CYS C 305 3.20 37.82 8.15
C CYS C 305 4.02 38.82 8.95
N ILE C 306 5.30 38.50 9.12
CA ILE C 306 6.26 39.39 9.77
C ILE C 306 7.38 39.72 8.78
N LEU C 307 7.50 41.00 8.42
CA LEU C 307 8.55 41.43 7.50
C LEU C 307 9.84 41.68 8.27
N VAL C 308 10.84 40.82 8.03
CA VAL C 308 12.08 40.85 8.80
C VAL C 308 13.18 41.65 8.10
N LYS C 309 13.73 42.61 8.83
CA LYS C 309 14.86 43.40 8.33
C LYS C 309 16.13 43.04 9.09
N GLY C 310 17.15 42.57 8.36
CA GLY C 310 18.41 42.21 8.99
C GLY C 310 19.15 41.09 8.30
N LYS C 311 20.28 40.69 8.89
CA LYS C 311 21.11 39.62 8.34
C LYS C 311 20.41 38.27 8.47
N HIS C 312 19.63 38.12 9.54
CA HIS C 312 18.92 36.87 9.80
C HIS C 312 17.55 36.87 9.11
N ILE C 313 17.15 35.70 8.63
CA ILE C 313 15.88 35.56 7.94
C ILE C 313 14.75 35.30 8.93
N TRP C 314 15.10 35.20 10.21
CA TRP C 314 14.10 34.99 11.25
C TRP C 314 13.99 36.22 12.15
N PRO C 315 12.76 36.55 12.57
CA PRO C 315 12.50 37.71 13.41
C PRO C 315 13.16 37.59 14.78
N GLU C 316 13.61 38.71 15.32
CA GLU C 316 14.18 38.74 16.66
C GLU C 316 13.36 39.65 17.55
N PHE C 317 14.00 40.20 18.58
CA PHE C 317 13.29 41.03 19.56
C PHE C 317 13.72 42.48 19.46
N PRO C 318 12.74 43.40 19.44
CA PRO C 318 11.30 43.14 19.54
C PRO C 318 10.68 42.67 18.23
N LEU C 319 9.46 42.16 18.32
CA LEU C 319 8.76 41.65 17.15
C LEU C 319 8.07 42.79 16.41
N PRO C 320 8.34 42.90 15.09
CA PRO C 320 7.68 43.89 14.23
C PRO C 320 6.16 43.75 14.22
N LEU C 321 5.46 44.79 13.80
CA LEU C 321 4.01 44.70 13.65
C LEU C 321 3.65 43.76 12.50
N PRO C 322 2.58 42.97 12.68
CA PRO C 322 2.12 42.06 11.64
C PRO C 322 1.77 42.80 10.34
N SER C 323 2.27 42.29 9.22
CA SER C 323 1.96 42.87 7.92
C SER C 323 0.91 42.03 7.21
N GLU C 324 0.43 42.53 6.07
CA GLU C 324 -0.50 41.78 5.25
C GLU C 324 -0.10 41.85 3.79
N MET C 325 -0.12 40.70 3.12
CA MET C 325 0.20 40.63 1.70
C MET C 325 -0.99 40.12 0.90
N GLU C 326 -1.33 40.86 -0.16
CA GLU C 326 -2.41 40.47 -1.04
C GLU C 326 -2.01 39.24 -1.85
N ILE C 327 -2.99 38.39 -2.18
CA ILE C 327 -2.72 37.17 -2.92
C ILE C 327 -2.79 37.38 -4.42
N PHE D 4 -16.32 7.20 46.54
CA PHE D 4 -17.31 6.82 45.53
C PHE D 4 -17.33 5.32 45.30
N ASP D 5 -16.50 4.60 46.06
CA ASP D 5 -16.31 3.16 45.85
C ASP D 5 -17.61 2.36 45.96
N ASP D 6 -18.56 2.86 46.73
CA ASP D 6 -19.82 2.15 46.92
C ASP D 6 -20.69 2.28 45.67
N ILE D 7 -20.65 3.44 45.01
CA ILE D 7 -21.40 3.64 43.79
C ILE D 7 -20.77 2.88 42.63
N LEU D 8 -19.43 2.91 42.58
CA LEU D 8 -18.69 2.15 41.59
C LEU D 8 -18.93 0.65 41.76
N GLY D 9 -18.84 0.19 43.01
CA GLY D 9 -19.10 -1.20 43.33
C GLY D 9 -20.54 -1.59 43.03
N GLU D 10 -21.44 -0.64 43.21
CA GLU D 10 -22.86 -0.85 42.92
C GLU D 10 -23.07 -1.05 41.43
N PHE D 11 -22.28 -0.35 40.62
CA PHE D 11 -22.38 -0.44 39.17
C PHE D 11 -21.79 -1.74 38.65
N GLU D 12 -20.72 -2.21 39.29
CA GLU D 12 -20.04 -3.42 38.86
C GLU D 12 -20.96 -4.64 38.95
N SER D 13 -21.86 -4.63 39.93
CA SER D 13 -22.81 -5.72 40.11
C SER D 13 -24.23 -5.28 39.75
N PHE E 4 -11.07 -43.61 -20.31
CA PHE E 4 -12.14 -42.61 -20.23
C PHE E 4 -12.29 -41.85 -21.55
N ASP E 5 -11.46 -42.22 -22.52
CA ASP E 5 -11.38 -41.50 -23.79
C ASP E 5 -12.69 -41.43 -24.58
N ASP E 6 -13.54 -42.43 -24.42
CA ASP E 6 -14.80 -42.48 -25.16
C ASP E 6 -15.84 -41.49 -24.65
N ILE E 7 -15.86 -41.29 -23.33
CA ILE E 7 -16.78 -40.35 -22.71
C ILE E 7 -16.36 -38.92 -23.03
N LEU E 8 -15.06 -38.69 -23.03
CA LEU E 8 -14.48 -37.39 -23.36
C LEU E 8 -14.85 -36.97 -24.78
N GLY E 9 -14.73 -37.92 -25.72
CA GLY E 9 -15.11 -37.67 -27.10
C GLY E 9 -16.58 -37.36 -27.30
N GLU E 10 -17.43 -37.95 -26.47
CA GLU E 10 -18.87 -37.75 -26.54
C GLU E 10 -19.28 -36.31 -26.20
N PHE E 11 -18.53 -35.69 -25.29
CA PHE E 11 -18.83 -34.32 -24.86
C PHE E 11 -18.44 -33.29 -25.91
N GLU E 12 -17.36 -33.55 -26.63
CA GLU E 12 -16.86 -32.62 -27.63
C GLU E 12 -17.86 -32.37 -28.75
N SER E 13 -18.64 -33.39 -29.09
CA SER E 13 -19.66 -33.26 -30.13
C SER E 13 -21.06 -33.32 -29.55
#